data_7UTT
#
_entry.id   7UTT
#
_cell.length_a   77.093
_cell.length_b   97.882
_cell.length_c   142.271
_cell.angle_alpha   90.000
_cell.angle_beta   90.000
_cell.angle_gamma   90.000
#
_symmetry.space_group_name_H-M   'P 21 21 21'
#
loop_
_entity.id
_entity.type
_entity.pdbx_description
1 polymer 'Cyclic GMP-AMP synthase'
2 polymer 'Palindromic DNA18'
3 non-polymer 'DIPHOSPHOMETHYLPHOSPHONIC ACID ADENOSYL ESTER'
4 non-polymer 'ZINC ION'
5 non-polymer 'MANGANESE (II) ION'
6 water water
#
loop_
_entity_poly.entity_id
_entity_poly.type
_entity_poly.pdbx_seq_one_letter_code
_entity_poly.pdbx_strand_id
1 'polypeptide(L)'
;GTGPDKLKKVLDKLRLKRKDISEAAETVNKVVERLLRRMQKRESEFKGVEQLNTGSYYEHVKISAPNEFDVMFKLEVPRI
ELQEYYETGAFYLVKFKRIPRGNPLSHFLEGEVLSATKMLSKFRKIIKEEVKEIKDIDVSVEKEKPGSPAVTLLIRNPEE
ISVDIILALESKGSWPISTKEGLPIQGWLGTKVRTNLRREPFYLVPKNAKDGNSFQGETWRLSFSHTEKYILNNHGIEKT
CCESSGAKCCRKECLKLMKYLLEQLKKEFQELDAFCSYHVKTAIFHMWTQDPQDSQWDPRNLSSCFDKLLAFFLECLRTE
KLDHYFIPKFNLFSQELIDRKSKEFLSKKIEYERNNGFPIFDKL
;
A,C
2 'polydeoxyribonucleotide' (DA)(DT)(DC)(DT)(DG)(DT)(DA)(DC)(DA)(DT)(DG)(DT)(DA)(DC)(DA)(DG)(DA)(DT) E,F,I,J
#
loop_
_chem_comp.id
_chem_comp.type
_chem_comp.name
_chem_comp.formula
APC non-polymer 'DIPHOSPHOMETHYLPHOSPHONIC ACID ADENOSYL ESTER' 'C11 H18 N5 O12 P3'
DA DNA linking 2'-DEOXYADENOSINE-5'-MONOPHOSPHATE 'C10 H14 N5 O6 P'
DC DNA linking 2'-DEOXYCYTIDINE-5'-MONOPHOSPHATE 'C9 H14 N3 O7 P'
DG DNA linking 2'-DEOXYGUANOSINE-5'-MONOPHOSPHATE 'C10 H14 N5 O7 P'
DT DNA linking THYMIDINE-5'-MONOPHOSPHATE 'C10 H15 N2 O8 P'
MN non-polymer 'MANGANESE (II) ION' 'Mn 2'
ZN non-polymer 'ZINC ION' 'Zn 2'
#
# COMPACT_ATOMS: atom_id res chain seq x y z
N LYS A 6 3.05 32.69 -15.19
CA LYS A 6 2.35 33.74 -14.33
C LYS A 6 2.03 33.20 -12.91
N LEU A 7 1.10 32.26 -12.82
CA LEU A 7 1.01 31.41 -11.66
C LEU A 7 2.29 30.55 -11.55
N LYS A 8 2.87 30.17 -12.69
CA LYS A 8 4.12 29.41 -12.71
C LYS A 8 5.28 30.23 -12.13
N LYS A 9 5.32 31.54 -12.39
CA LYS A 9 6.33 32.42 -11.83
C LYS A 9 6.15 32.56 -10.33
N VAL A 10 4.90 32.58 -9.87
CA VAL A 10 4.64 32.60 -8.42
C VAL A 10 5.17 31.29 -7.78
N LEU A 11 4.85 30.16 -8.39
CA LEU A 11 5.37 28.86 -7.91
C LEU A 11 6.91 28.84 -7.88
N ASP A 12 7.55 29.47 -8.88
CA ASP A 12 9.00 29.61 -8.88
C ASP A 12 9.51 30.35 -7.65
N LYS A 13 8.79 31.41 -7.25
CA LYS A 13 9.16 32.20 -6.08
C LYS A 13 8.95 31.38 -4.77
N LEU A 14 7.90 30.54 -4.73
CA LEU A 14 7.57 29.76 -3.54
C LEU A 14 8.47 28.54 -3.32
N ARG A 15 9.16 28.11 -4.38
CA ARG A 15 10.00 26.89 -4.39
C ARG A 15 11.14 27.06 -3.38
N LEU A 16 11.35 26.03 -2.56
CA LEU A 16 12.44 26.04 -1.61
C LEU A 16 13.73 25.81 -2.36
N LYS A 17 14.81 26.36 -1.82
CA LYS A 17 16.13 26.14 -2.36
C LYS A 17 16.84 25.02 -1.62
N ARG A 18 17.54 24.18 -2.38
CA ARG A 18 18.21 22.96 -1.84
C ARG A 18 19.23 23.37 -0.78
N LYS A 19 19.92 24.50 -0.93
CA LYS A 19 20.92 24.93 0.05
C LYS A 19 20.25 25.27 1.40
N ASP A 20 19.07 25.93 1.35
CA ASP A 20 18.32 26.30 2.55
C ASP A 20 17.76 25.03 3.22
N ILE A 21 17.26 24.10 2.41
CA ILE A 21 16.72 22.83 2.88
C ILE A 21 17.80 22.09 3.66
N SER A 22 18.97 21.98 3.03
CA SER A 22 20.09 21.23 3.56
C SER A 22 20.56 21.79 4.91
N GLU A 23 20.69 23.12 5.00
CA GLU A 23 21.18 23.75 6.21
C GLU A 23 20.13 23.67 7.34
N ALA A 24 18.85 23.91 7.02
CA ALA A 24 17.76 23.87 7.99
C ALA A 24 17.55 22.44 8.53
N ALA A 25 17.48 21.44 7.63
CA ALA A 25 17.25 20.04 8.05
C ALA A 25 18.36 19.50 8.92
N GLU A 26 19.61 19.86 8.59
CA GLU A 26 20.72 19.36 9.38
C GLU A 26 20.58 19.78 10.85
N THR A 27 20.23 21.05 11.11
CA THR A 27 20.09 21.53 12.47
C THR A 27 18.83 20.98 13.17
N VAL A 28 17.70 20.96 12.45
CA VAL A 28 16.46 20.41 13.01
C VAL A 28 16.69 18.94 13.39
N ASN A 29 17.36 18.19 12.51
CA ASN A 29 17.54 16.75 12.75
C ASN A 29 18.38 16.49 14.00
N LYS A 30 19.44 17.29 14.19
CA LYS A 30 20.31 17.20 15.38
C LYS A 30 19.54 17.43 16.67
N VAL A 31 18.80 18.54 16.72
CA VAL A 31 17.99 18.88 17.90
C VAL A 31 16.93 17.80 18.20
N VAL A 32 16.17 17.38 17.18
CA VAL A 32 15.09 16.44 17.37
C VAL A 32 15.63 15.08 17.86
N GLU A 33 16.70 14.59 17.24
CA GLU A 33 17.33 13.31 17.67
C GLU A 33 17.78 13.36 19.14
N ARG A 34 18.40 14.46 19.52
CA ARG A 34 18.84 14.66 20.92
C ARG A 34 17.64 14.67 21.88
N LEU A 35 16.54 15.35 21.52
CA LEU A 35 15.36 15.36 22.39
C LEU A 35 14.72 13.96 22.46
N LEU A 36 14.67 13.26 21.33
CA LEU A 36 14.08 11.93 21.29
C LEU A 36 14.87 10.95 22.14
N ARG A 37 16.20 11.07 22.11
CA ARG A 37 17.11 10.24 22.93
C ARG A 37 16.89 10.53 24.43
N ARG A 38 16.79 11.81 24.81
CA ARG A 38 16.49 12.21 26.22
C ARG A 38 15.19 11.54 26.69
N MET A 39 14.15 11.53 25.86
CA MET A 39 12.89 10.85 26.22
C MET A 39 13.04 9.35 26.58
N GLN A 40 14.11 8.71 26.12
CA GLN A 40 14.37 7.28 26.36
C GLN A 40 15.12 6.94 27.64
N LYS A 41 15.64 7.95 28.35
CA LYS A 41 16.28 7.76 29.67
C LYS A 41 15.38 6.96 30.59
N ARG A 42 15.98 6.09 31.42
CA ARG A 42 15.31 4.95 32.08
C ARG A 42 14.08 5.41 32.88
N GLU A 43 14.20 6.54 33.60
CA GLU A 43 13.17 7.07 34.47
C GLU A 43 12.15 7.99 33.78
N SER A 44 12.16 8.03 32.44
CA SER A 44 11.30 8.96 31.71
C SER A 44 9.93 8.32 31.56
N GLU A 45 8.86 9.05 31.89
CA GLU A 45 7.48 8.64 31.66
C GLU A 45 7.23 8.45 30.16
N PHE A 46 8.10 9.03 29.33
CA PHE A 46 7.94 8.98 27.91
C PHE A 46 8.85 7.96 27.19
N LYS A 47 9.52 7.11 27.96
CA LYS A 47 10.38 6.05 27.43
C LYS A 47 9.55 5.24 26.46
N GLY A 48 10.06 5.01 25.24
CA GLY A 48 9.30 4.28 24.23
C GLY A 48 8.61 5.16 23.22
N VAL A 49 8.58 6.48 23.45
CA VAL A 49 8.04 7.43 22.47
C VAL A 49 8.79 7.28 21.16
N GLU A 50 8.07 7.35 20.02
CA GLU A 50 8.64 7.20 18.69
C GLU A 50 8.34 8.44 17.85
N GLN A 51 9.17 8.69 16.83
CA GLN A 51 9.10 9.91 16.05
C GLN A 51 8.29 9.70 14.79
N LEU A 52 7.46 10.67 14.42
CA LEU A 52 6.79 10.70 13.13
C LEU A 52 6.81 12.12 12.60
N ASN A 53 7.47 12.34 11.45
CA ASN A 53 7.56 13.65 10.84
C ASN A 53 6.29 13.89 10.03
N THR A 54 5.66 15.06 10.23
CA THR A 54 4.39 15.35 9.58
C THR A 54 4.35 16.82 9.11
N GLY A 55 3.21 17.23 8.53
CA GLY A 55 3.01 18.60 8.16
C GLY A 55 3.65 18.93 6.84
N SER A 56 3.60 20.23 6.47
CA SER A 56 3.85 20.62 5.08
C SER A 56 5.24 20.29 4.56
N TYR A 57 6.26 20.34 5.43
CA TYR A 57 7.66 20.12 4.97
C TYR A 57 7.79 18.68 4.45
N TYR A 58 7.29 17.71 5.22
CA TYR A 58 7.39 16.26 4.92
C TYR A 58 6.36 15.84 3.88
N GLU A 59 5.36 16.68 3.58
CA GLU A 59 4.44 16.50 2.46
C GLU A 59 4.89 17.18 1.17
N HIS A 60 6.00 17.93 1.24
CA HIS A 60 6.59 18.67 0.13
C HIS A 60 5.64 19.82 -0.33
N VAL A 61 4.83 20.37 0.57
CA VAL A 61 4.03 21.56 0.25
C VAL A 61 4.37 22.77 1.15
N LYS A 62 5.55 22.75 1.80
CA LYS A 62 6.04 23.94 2.49
C LYS A 62 6.43 24.96 1.43
N ILE A 63 6.05 26.21 1.65
CA ILE A 63 6.36 27.30 0.71
C ILE A 63 7.31 28.34 1.29
N SER A 64 8.01 29.03 0.38
CA SER A 64 8.79 30.25 0.60
C SER A 64 10.14 30.01 1.25
N ALA A 65 10.16 29.24 2.35
CA ALA A 65 11.38 28.92 3.06
C ALA A 65 11.16 27.70 3.95
N PRO A 66 12.20 26.87 4.21
CA PRO A 66 12.08 25.73 5.13
C PRO A 66 12.22 26.20 6.59
N ASN A 67 11.21 26.90 7.10
CA ASN A 67 11.33 27.57 8.39
C ASN A 67 10.32 27.09 9.42
N GLU A 68 9.58 26.01 9.14
CA GLU A 68 8.63 25.47 10.10
C GLU A 68 8.42 23.96 9.90
N PHE A 69 8.79 23.20 10.93
CA PHE A 69 8.84 21.76 10.88
C PHE A 69 7.96 21.20 11.97
N ASP A 70 7.19 20.15 11.65
CA ASP A 70 6.32 19.46 12.59
C ASP A 70 6.73 18.00 12.82
N VAL A 71 6.86 17.64 14.10
CA VAL A 71 7.29 16.33 14.49
C VAL A 71 6.43 15.84 15.64
N MET A 72 5.83 14.67 15.45
CA MET A 72 5.08 14.01 16.51
C MET A 72 5.96 13.08 17.29
N PHE A 73 5.87 13.16 18.62
CA PHE A 73 6.52 12.21 19.51
C PHE A 73 5.35 11.42 20.04
N LYS A 74 5.16 10.22 19.52
CA LYS A 74 3.94 9.42 19.73
C LYS A 74 4.24 8.26 20.69
N LEU A 75 3.40 8.13 21.72
CA LEU A 75 3.52 7.15 22.76
C LEU A 75 2.35 6.18 22.68
N GLU A 76 2.63 4.90 22.46
CA GLU A 76 1.58 3.87 22.45
C GLU A 76 0.97 3.71 23.84
N VAL A 77 -0.36 3.77 23.91
CA VAL A 77 -1.08 3.64 25.18
C VAL A 77 -2.09 2.50 25.05
N PRO A 78 -1.66 1.26 25.36
CA PRO A 78 -2.52 0.09 25.17
C PRO A 78 -3.68 0.14 26.16
N ARG A 79 -4.85 -0.38 25.78
CA ARG A 79 -5.99 -0.66 26.70
C ARG A 79 -6.61 0.66 27.18
N ILE A 80 -6.81 1.59 26.25
CA ILE A 80 -7.45 2.87 26.46
C ILE A 80 -8.94 2.69 26.27
N GLU A 81 -9.75 3.45 27.03
CA GLU A 81 -11.18 3.63 26.75
C GLU A 81 -11.39 5.14 26.51
N LEU A 82 -12.11 5.48 25.45
CA LEU A 82 -12.38 6.83 25.04
C LEU A 82 -13.78 7.20 25.43
N GLN A 83 -13.97 8.43 25.89
CA GLN A 83 -15.28 8.97 26.10
C GLN A 83 -15.35 10.27 25.36
N GLU A 84 -16.27 10.35 24.40
CA GLU A 84 -16.51 11.54 23.60
C GLU A 84 -16.90 12.69 24.50
N TYR A 85 -16.32 13.85 24.26
CA TYR A 85 -16.68 15.11 24.97
C TYR A 85 -17.90 15.71 24.27
N TYR A 86 -19.06 15.63 24.91
CA TYR A 86 -20.35 16.27 24.50
C TYR A 86 -20.65 16.15 23.00
N GLU A 87 -20.62 14.95 22.43
CA GLU A 87 -20.94 14.79 21.01
C GLU A 87 -20.20 15.73 19.99
N THR A 88 -19.02 16.24 20.36
CA THR A 88 -18.22 17.09 19.46
C THR A 88 -17.50 16.31 18.34
N GLY A 89 -17.41 14.97 18.47
CA GLY A 89 -16.72 14.13 17.49
C GLY A 89 -15.19 14.18 17.45
N ALA A 90 -14.61 15.37 17.69
CA ALA A 90 -13.17 15.56 17.69
C ALA A 90 -12.48 15.41 19.06
N PHE A 91 -13.21 15.66 20.14
CA PHE A 91 -12.59 15.78 21.47
C PHE A 91 -13.03 14.63 22.36
N TYR A 92 -12.10 14.12 23.17
CA TYR A 92 -12.28 12.90 24.02
C TYR A 92 -11.59 13.04 25.40
N LEU A 93 -12.17 12.39 26.41
CA LEU A 93 -11.46 12.00 27.61
C LEU A 93 -10.87 10.61 27.37
N VAL A 94 -9.71 10.37 27.97
CA VAL A 94 -8.98 9.12 27.91
C VAL A 94 -8.90 8.50 29.31
N LYS A 95 -9.42 7.28 29.44
CA LYS A 95 -9.47 6.56 30.74
C LYS A 95 -8.68 5.26 30.68
N ASN A 103 2.97 1.64 36.18
CA ASN A 103 2.66 2.17 34.86
C ASN A 103 3.21 3.59 34.67
N PRO A 104 4.04 3.85 33.62
CA PRO A 104 4.80 5.09 33.56
C PRO A 104 3.94 6.37 33.66
N LEU A 105 2.65 6.27 33.33
CA LEU A 105 1.77 7.43 33.22
C LEU A 105 0.91 7.69 34.45
N SER A 106 1.11 6.90 35.51
CA SER A 106 0.21 6.93 36.66
C SER A 106 0.24 8.30 37.38
N HIS A 107 1.37 9.00 37.29
CA HIS A 107 1.51 10.35 37.84
C HIS A 107 0.65 11.42 37.12
N PHE A 108 0.13 11.11 35.93
CA PHE A 108 -0.69 12.04 35.17
C PHE A 108 -2.20 11.78 35.26
N LEU A 109 -2.57 10.75 36.03
CA LEU A 109 -3.96 10.34 36.18
C LEU A 109 -4.60 11.16 37.28
N GLU A 110 -5.86 11.52 37.09
CA GLU A 110 -6.74 11.92 38.20
C GLU A 110 -7.87 10.91 38.22
N GLY A 111 -7.83 10.03 39.22
CA GLY A 111 -8.58 8.79 39.20
C GLY A 111 -8.13 7.99 37.98
N GLU A 112 -9.06 7.72 37.07
CA GLU A 112 -8.75 6.93 35.88
C GLU A 112 -8.57 7.77 34.60
N VAL A 113 -8.69 9.10 34.74
CA VAL A 113 -8.64 10.03 33.61
C VAL A 113 -7.22 10.57 33.43
N LEU A 114 -6.71 10.45 32.20
CA LEU A 114 -5.37 10.89 31.88
C LEU A 114 -5.38 12.39 31.63
N SER A 115 -4.72 13.18 32.48
CA SER A 115 -4.61 14.61 32.26
C SER A 115 -3.67 15.01 31.11
N ALA A 116 -4.22 15.58 30.06
CA ALA A 116 -3.42 16.17 28.98
C ALA A 116 -2.50 17.30 29.49
N THR A 117 -2.98 18.13 30.42
CA THR A 117 -2.19 19.22 30.95
C THR A 117 -1.00 18.78 31.82
N LYS A 118 -1.21 17.82 32.73
CA LYS A 118 -0.11 17.27 33.53
C LYS A 118 0.94 16.61 32.64
N MET A 119 0.50 15.78 31.70
CA MET A 119 1.40 15.08 30.82
C MET A 119 2.20 16.06 29.91
N LEU A 120 1.50 17.00 29.28
CA LEU A 120 2.13 18.04 28.48
C LEU A 120 3.13 18.89 29.31
N SER A 121 2.74 19.21 30.56
CA SER A 121 3.64 19.98 31.43
C SER A 121 4.98 19.27 31.72
N LYS A 122 4.92 17.96 31.97
CA LYS A 122 6.14 17.20 32.22
C LYS A 122 6.98 17.07 30.92
N PHE A 123 6.31 16.77 29.81
CA PHE A 123 6.93 16.72 28.48
C PHE A 123 7.72 18.00 28.23
N ARG A 124 7.06 19.15 28.38
CA ARG A 124 7.67 20.50 28.24
C ARG A 124 8.87 20.67 29.19
N LYS A 125 8.74 20.32 30.47
CA LYS A 125 9.84 20.41 31.43
C LYS A 125 11.11 19.65 30.96
N ILE A 126 10.91 18.41 30.48
CA ILE A 126 12.00 17.59 30.00
C ILE A 126 12.66 18.23 28.77
N ILE A 127 11.85 18.70 27.82
CA ILE A 127 12.40 19.36 26.64
C ILE A 127 13.21 20.61 27.01
N LYS A 128 12.69 21.42 27.93
CA LYS A 128 13.39 22.62 28.38
C LYS A 128 14.73 22.31 29.02
N GLU A 129 14.78 21.27 29.86
CA GLU A 129 16.02 20.85 30.49
C GLU A 129 17.07 20.47 29.46
N GLU A 130 16.66 19.65 28.48
CA GLU A 130 17.57 19.21 27.44
C GLU A 130 18.04 20.34 26.54
N VAL A 131 17.16 21.30 26.27
CA VAL A 131 17.47 22.42 25.40
C VAL A 131 18.55 23.30 26.02
N LYS A 132 18.51 23.43 27.35
CA LYS A 132 19.47 24.27 28.07
C LYS A 132 20.89 23.75 27.95
N GLU A 133 21.03 22.43 27.77
CA GLU A 133 22.32 21.76 27.65
C GLU A 133 22.86 21.69 26.20
N ILE A 134 22.12 22.21 25.22
CA ILE A 134 22.60 22.31 23.86
C ILE A 134 23.49 23.57 23.80
N LYS A 135 24.78 23.38 23.54
CA LYS A 135 25.71 24.50 23.35
C LYS A 135 26.15 24.68 21.88
N ASP A 136 25.93 23.64 21.07
CA ASP A 136 26.06 23.58 19.61
C ASP A 136 25.35 24.68 18.80
N ILE A 137 24.12 25.00 19.21
CA ILE A 137 23.09 25.58 18.36
C ILE A 137 22.34 26.60 19.19
N ASP A 138 21.94 27.71 18.54
CA ASP A 138 21.18 28.78 19.17
C ASP A 138 19.69 28.35 19.13
N VAL A 139 19.22 27.76 20.23
CA VAL A 139 17.87 27.22 20.31
C VAL A 139 17.22 27.52 21.65
N SER A 140 15.95 27.93 21.64
CA SER A 140 15.18 28.20 22.86
C SER A 140 13.76 27.68 22.72
N VAL A 141 13.06 27.54 23.85
CA VAL A 141 11.69 27.02 23.85
C VAL A 141 10.73 28.19 23.93
N GLU A 142 9.81 28.26 22.98
CA GLU A 142 8.84 29.34 22.90
C GLU A 142 7.82 29.17 24.03
N LYS A 143 7.42 30.30 24.63
CA LYS A 143 6.32 30.41 25.59
C LYS A 143 5.13 29.57 25.14
N GLU A 144 4.52 28.80 26.03
CA GLU A 144 3.30 28.03 25.69
C GLU A 144 2.20 28.97 25.15
N LYS A 145 1.55 28.54 24.05
CA LYS A 145 0.41 29.20 23.44
C LYS A 145 -0.82 28.39 23.79
N PRO A 146 -1.92 29.01 24.27
CA PRO A 146 -3.17 28.28 24.52
C PRO A 146 -3.79 27.65 23.26
N GLY A 147 -4.33 26.44 23.40
CA GLY A 147 -4.90 25.70 22.27
C GLY A 147 -3.91 24.88 21.47
N SER A 148 -2.61 24.96 21.81
CA SER A 148 -1.54 24.23 21.09
C SER A 148 -1.14 22.91 21.76
N PRO A 149 -1.04 21.81 21.00
CA PRO A 149 -0.56 20.54 21.56
C PRO A 149 0.97 20.41 21.56
N ALA A 150 1.70 21.50 21.20
CA ALA A 150 3.13 21.45 20.81
C ALA A 150 4.00 22.18 21.80
N VAL A 151 5.22 21.69 21.98
CA VAL A 151 6.33 22.44 22.58
C VAL A 151 7.09 22.91 21.35
N THR A 152 7.09 24.23 21.12
CA THR A 152 7.71 24.85 19.95
C THR A 152 9.12 25.35 20.25
N LEU A 153 10.07 24.94 19.39
CA LEU A 153 11.48 25.36 19.50
C LEU A 153 11.72 26.49 18.51
N LEU A 154 12.44 27.52 18.95
CA LEU A 154 12.89 28.60 18.08
C LEU A 154 14.39 28.46 17.86
N ILE A 155 14.78 28.16 16.60
CA ILE A 155 16.18 28.02 16.21
C ILE A 155 16.57 29.26 15.40
N ARG A 156 17.75 29.81 15.70
CA ARG A 156 18.24 31.06 15.05
C ARG A 156 19.56 30.80 14.31
N ASN A 157 20.09 29.58 14.26
CA ASN A 157 21.22 29.27 13.39
C ASN A 157 20.82 29.76 12.00
N PRO A 158 21.54 30.77 11.48
CA PRO A 158 21.16 32.19 11.63
C PRO A 158 19.69 32.44 11.33
N GLU A 159 19.19 31.88 10.23
CA GLU A 159 17.81 32.02 9.86
C GLU A 159 16.92 31.47 10.98
N GLU A 160 15.78 32.13 11.18
CA GLU A 160 14.78 31.70 12.13
C GLU A 160 13.99 30.46 11.63
N ILE A 161 13.99 29.41 12.45
CA ILE A 161 13.25 28.18 12.16
C ILE A 161 12.44 27.81 13.40
N SER A 162 11.15 27.48 13.23
CA SER A 162 10.34 26.92 14.30
C SER A 162 10.14 25.42 14.13
N VAL A 163 10.19 24.67 15.23
CA VAL A 163 9.93 23.24 15.25
C VAL A 163 8.88 22.94 16.32
N ASP A 164 7.75 22.37 15.91
CA ASP A 164 6.66 21.98 16.78
C ASP A 164 6.86 20.50 17.15
N ILE A 165 7.18 20.24 18.42
CA ILE A 165 7.29 18.89 18.95
C ILE A 165 5.92 18.61 19.55
N ILE A 166 5.17 17.74 18.89
CA ILE A 166 3.80 17.45 19.25
C ILE A 166 3.71 16.14 20.05
N LEU A 167 3.22 16.22 21.28
CA LEU A 167 2.95 15.05 22.09
C LEU A 167 1.68 14.38 21.59
N ALA A 168 1.73 13.06 21.38
CA ALA A 168 0.55 12.35 20.85
C ALA A 168 0.47 10.96 21.49
N LEU A 169 -0.75 10.56 21.86
CA LEU A 169 -1.01 9.17 22.27
C LEU A 169 -1.33 8.39 21.02
N GLU A 170 -0.79 7.17 20.93
CA GLU A 170 -1.03 6.24 19.81
C GLU A 170 -1.94 5.12 20.26
N SER A 171 -3.07 4.96 19.58
CA SER A 171 -3.97 3.85 19.79
C SER A 171 -4.12 3.04 18.50
N LYS A 172 -3.96 1.73 18.64
CA LYS A 172 -3.94 0.83 17.48
C LYS A 172 -5.30 0.17 17.17
N GLY A 173 -6.29 0.42 18.03
CA GLY A 173 -7.64 -0.08 17.82
C GLY A 173 -8.34 0.61 16.66
N SER A 174 -9.58 0.19 16.41
CA SER A 174 -10.36 0.76 15.32
C SER A 174 -10.66 2.23 15.64
N TRP A 175 -10.73 3.05 14.59
CA TRP A 175 -10.87 4.50 14.76
C TRP A 175 -12.20 4.84 15.44
N PRO A 176 -12.34 5.95 16.18
CA PRO A 176 -13.62 6.26 16.83
C PRO A 176 -14.78 6.40 15.82
N ILE A 177 -15.98 6.13 16.32
CA ILE A 177 -17.23 6.05 15.55
C ILE A 177 -17.55 7.32 14.77
N SER A 178 -17.14 8.45 15.33
CA SER A 178 -17.28 9.75 14.69
C SER A 178 -16.58 9.84 13.35
N THR A 179 -15.62 8.94 13.07
CA THR A 179 -14.91 8.93 11.80
C THR A 179 -15.49 7.97 10.77
N LYS A 180 -16.54 7.24 11.15
CA LYS A 180 -17.08 6.18 10.29
C LYS A 180 -17.40 6.62 8.86
N GLU A 181 -17.96 7.83 8.70
CA GLU A 181 -18.34 8.35 7.37
C GLU A 181 -17.35 9.35 6.86
N GLY A 182 -16.22 9.48 7.57
CA GLY A 182 -15.15 10.35 7.18
C GLY A 182 -14.24 9.70 6.15
N LEU A 183 -13.18 10.43 5.78
CA LEU A 183 -12.22 9.96 4.78
C LEU A 183 -12.95 9.39 3.55
N PRO A 184 -13.76 10.22 2.85
CA PRO A 184 -14.62 9.74 1.76
C PRO A 184 -13.84 9.59 0.44
N ILE A 185 -12.80 8.75 0.47
CA ILE A 185 -11.90 8.59 -0.68
C ILE A 185 -12.25 7.46 -1.67
N GLN A 186 -13.40 6.80 -1.48
CA GLN A 186 -13.75 5.55 -2.22
C GLN A 186 -13.76 5.69 -3.76
N GLY A 187 -14.15 6.88 -4.24
CA GLY A 187 -14.22 7.21 -5.65
C GLY A 187 -12.93 7.69 -6.26
N TRP A 188 -11.92 7.92 -5.41
CA TRP A 188 -10.71 8.62 -5.76
C TRP A 188 -9.49 7.70 -5.54
N LEU A 189 -9.15 7.41 -4.29
CA LEU A 189 -8.06 6.53 -3.92
C LEU A 189 -8.53 5.08 -3.72
N GLY A 190 -9.82 4.93 -3.41
CA GLY A 190 -10.48 3.62 -3.46
C GLY A 190 -10.71 2.93 -2.11
N THR A 191 -11.38 1.77 -2.18
CA THR A 191 -11.78 1.01 -0.99
C THR A 191 -10.63 0.26 -0.29
N LYS A 192 -9.71 -0.33 -1.08
CA LYS A 192 -8.53 -0.98 -0.52
C LYS A 192 -7.65 0.03 0.21
N VAL A 193 -7.40 1.19 -0.40
CA VAL A 193 -6.63 2.24 0.23
C VAL A 193 -7.31 2.70 1.55
N ARG A 194 -8.62 2.98 1.51
CA ARG A 194 -9.34 3.46 2.71
C ARG A 194 -9.30 2.40 3.81
N THR A 195 -9.54 1.13 3.46
CA THR A 195 -9.49 0.06 4.45
C THR A 195 -8.11 -0.04 5.12
N ASN A 196 -7.05 0.02 4.31
CA ASN A 196 -5.67 -0.05 4.78
C ASN A 196 -5.32 1.12 5.65
N LEU A 197 -5.73 2.32 5.25
CA LEU A 197 -5.48 3.49 6.04
C LEU A 197 -6.12 3.43 7.44
N ARG A 198 -7.34 2.93 7.50
CA ARG A 198 -8.15 2.85 8.75
C ARG A 198 -7.67 1.69 9.64
N ARG A 199 -6.81 0.81 9.13
CA ARG A 199 -6.13 -0.24 9.96
C ARG A 199 -4.87 0.33 10.64
N GLU A 200 -4.39 1.50 10.23
CA GLU A 200 -3.27 2.13 10.90
C GLU A 200 -3.78 2.73 12.21
N PRO A 201 -2.87 3.16 13.12
CA PRO A 201 -3.29 3.75 14.39
C PRO A 201 -4.04 5.07 14.17
N PHE A 202 -4.72 5.55 15.22
CA PHE A 202 -5.14 6.93 15.32
C PHE A 202 -4.40 7.54 16.50
N TYR A 203 -4.34 8.88 16.53
CA TYR A 203 -3.55 9.70 17.50
C TYR A 203 -4.47 10.67 18.24
N LEU A 204 -4.10 11.02 19.48
CA LEU A 204 -4.76 11.98 20.31
C LEU A 204 -3.69 12.95 20.79
N VAL A 205 -3.94 14.26 20.61
CA VAL A 205 -3.01 15.29 21.06
C VAL A 205 -3.73 16.16 22.08
N PRO A 206 -3.02 16.83 23.00
CA PRO A 206 -3.68 17.66 24.02
C PRO A 206 -4.48 18.81 23.42
N LYS A 207 -5.71 19.03 23.89
CA LYS A 207 -6.52 20.15 23.38
C LYS A 207 -5.92 21.47 23.87
N ASN A 208 -5.67 21.51 25.18
CA ASN A 208 -4.93 22.57 25.85
C ASN A 208 -5.53 23.99 25.78
N ALA A 209 -6.85 24.10 25.63
CA ALA A 209 -7.53 25.40 25.75
C ALA A 209 -7.56 25.81 27.21
N LYS A 210 -7.69 27.11 27.46
CA LYS A 210 -7.88 27.63 28.82
C LYS A 210 -9.19 28.43 28.90
N ASP A 211 -10.29 27.72 28.63
CA ASP A 211 -11.60 28.32 28.36
C ASP A 211 -12.63 28.09 29.47
N GLY A 212 -12.19 27.67 30.66
CA GLY A 212 -13.08 27.41 31.77
C GLY A 212 -14.18 26.36 31.56
N ASN A 213 -14.05 25.52 30.54
CA ASN A 213 -14.99 24.43 30.39
C ASN A 213 -14.59 23.24 31.24
N SER A 214 -15.58 22.45 31.61
CA SER A 214 -15.39 21.16 32.25
C SER A 214 -14.35 20.31 31.49
N PHE A 215 -13.48 19.64 32.26
CA PHE A 215 -12.42 18.76 31.75
C PHE A 215 -11.36 19.45 30.86
N GLN A 216 -11.30 20.78 30.89
CA GLN A 216 -10.30 21.64 30.20
C GLN A 216 -8.93 20.95 30.14
N GLY A 217 -8.43 20.58 31.31
CA GLY A 217 -7.12 20.01 31.48
C GLY A 217 -6.97 18.56 31.03
N GLU A 218 -8.09 17.90 30.69
CA GLU A 218 -8.10 16.46 30.46
C GLU A 218 -8.71 16.09 29.09
N THR A 219 -8.87 17.08 28.21
CA THR A 219 -9.48 16.89 26.90
C THR A 219 -8.40 16.70 25.83
N TRP A 220 -8.58 15.68 24.99
CA TRP A 220 -7.69 15.34 23.89
C TRP A 220 -8.41 15.45 22.59
N ARG A 221 -7.66 15.70 21.50
CA ARG A 221 -8.24 15.88 20.14
C ARG A 221 -7.62 14.85 19.18
N LEU A 222 -8.44 14.33 18.27
CA LEU A 222 -8.00 13.36 17.25
C LEU A 222 -7.09 13.99 16.26
N SER A 223 -6.01 13.28 15.90
CA SER A 223 -5.08 13.69 14.83
C SER A 223 -4.92 12.57 13.81
N PHE A 224 -5.01 12.94 12.53
CA PHE A 224 -4.79 12.01 11.40
C PHE A 224 -3.68 12.53 10.49
N SER A 225 -2.68 13.19 11.10
CA SER A 225 -1.59 13.83 10.39
C SER A 225 -0.78 12.82 9.59
N HIS A 226 -0.65 11.60 10.10
CA HIS A 226 -0.05 10.50 9.36
C HIS A 226 -0.85 10.12 8.10
N THR A 227 -2.18 10.07 8.23
CA THR A 227 -3.05 9.71 7.11
C THR A 227 -2.98 10.80 6.02
N GLU A 228 -3.01 12.05 6.48
CA GLU A 228 -2.90 13.21 5.62
C GLU A 228 -1.60 13.24 4.83
N LYS A 229 -0.49 12.85 5.48
CA LYS A 229 0.82 12.78 4.81
C LYS A 229 0.81 11.76 3.70
N TYR A 230 0.30 10.58 4.01
CA TYR A 230 0.11 9.51 2.99
C TYR A 230 -0.69 10.08 1.80
N ILE A 231 -1.82 10.71 2.07
CA ILE A 231 -2.69 11.20 0.99
C ILE A 231 -1.96 12.18 0.08
N LEU A 232 -1.24 13.13 0.68
CA LEU A 232 -0.53 14.14 -0.09
C LEU A 232 0.51 13.51 -1.00
N ASN A 233 1.20 12.46 -0.51
CA ASN A 233 2.20 11.78 -1.27
C ASN A 233 1.72 10.65 -2.15
N ASN A 234 0.43 10.34 -2.08
CA ASN A 234 -0.17 9.31 -2.87
C ASN A 234 -1.55 9.80 -3.33
N HIS A 235 -1.59 10.88 -4.12
CA HIS A 235 -2.78 11.69 -4.26
C HIS A 235 -3.58 11.51 -5.56
N GLY A 236 -3.11 10.62 -6.43
CA GLY A 236 -3.73 10.43 -7.75
C GLY A 236 -4.68 9.26 -7.79
N ILE A 237 -5.67 9.33 -8.69
CA ILE A 237 -6.45 8.12 -9.02
C ILE A 237 -5.57 7.10 -9.75
N GLU A 238 -4.68 7.60 -10.63
CA GLU A 238 -3.66 6.70 -11.23
C GLU A 238 -2.44 6.56 -10.33
N LYS A 239 -1.94 5.32 -10.26
CA LYS A 239 -0.85 4.97 -9.40
C LYS A 239 0.44 5.70 -9.79
N THR A 240 0.55 6.07 -11.08
CA THR A 240 1.74 6.73 -11.62
C THR A 240 1.70 8.26 -11.60
N CYS A 241 0.68 8.87 -10.99
CA CYS A 241 0.52 10.34 -10.92
C CYS A 241 1.76 10.92 -10.27
N CYS A 242 2.42 11.84 -11.01
CA CYS A 242 3.60 12.56 -10.58
C CYS A 242 4.85 11.68 -10.48
N GLU A 243 4.79 10.42 -10.94
CA GLU A 243 5.95 9.52 -10.94
C GLU A 243 6.77 9.67 -12.21
N SER A 244 8.00 9.15 -12.20
CA SER A 244 8.88 9.28 -13.34
C SER A 244 8.37 8.61 -14.63
N SER A 245 7.50 7.59 -14.53
CA SER A 245 6.85 7.02 -15.73
C SER A 245 5.35 7.26 -15.82
N GLY A 246 4.89 8.37 -15.22
CA GLY A 246 3.50 8.81 -15.31
C GLY A 246 3.41 10.30 -15.64
N ALA A 247 2.21 10.88 -15.49
CA ALA A 247 1.95 12.26 -15.85
C ALA A 247 1.90 13.13 -14.59
N LYS A 248 2.42 14.34 -14.71
CA LYS A 248 2.40 15.32 -13.65
C LYS A 248 0.96 15.86 -13.51
N CYS A 249 0.49 16.06 -12.27
CA CYS A 249 -0.76 16.80 -12.00
C CYS A 249 -0.39 18.13 -11.34
N CYS A 250 -1.39 19.00 -11.12
CA CYS A 250 -1.15 20.28 -10.45
C CYS A 250 -1.84 20.37 -9.08
N ARG A 251 -2.15 19.22 -8.46
CA ARG A 251 -2.83 19.19 -7.13
C ARG A 251 -1.96 19.89 -6.07
N LYS A 252 -0.68 19.52 -5.90
CA LYS A 252 0.14 20.14 -4.82
C LYS A 252 0.38 21.62 -5.11
N GLU A 253 0.53 21.96 -6.41
CA GLU A 253 0.74 23.34 -6.83
C GLU A 253 -0.48 24.22 -6.47
N CYS A 254 -1.69 23.70 -6.63
CA CYS A 254 -2.90 24.45 -6.23
C CYS A 254 -2.96 24.66 -4.71
N LEU A 255 -2.54 23.64 -3.95
CA LEU A 255 -2.46 23.79 -2.51
C LEU A 255 -1.45 24.87 -2.11
N LYS A 256 -0.29 24.88 -2.74
CA LYS A 256 0.75 25.86 -2.45
C LYS A 256 0.26 27.31 -2.74
N LEU A 257 -0.43 27.49 -3.89
CA LEU A 257 -0.95 28.78 -4.28
C LEU A 257 -1.97 29.28 -3.28
N MET A 258 -2.87 28.39 -2.85
CA MET A 258 -3.94 28.77 -1.94
C MET A 258 -3.35 29.10 -0.56
N LYS A 259 -2.36 28.30 -0.11
CA LYS A 259 -1.68 28.56 1.15
C LYS A 259 -1.01 29.92 1.13
N TYR A 260 -0.33 30.25 0.04
CA TYR A 260 0.38 31.55 -0.14
C TYR A 260 -0.63 32.71 -0.06
N LEU A 261 -1.79 32.57 -0.70
CA LEU A 261 -2.80 33.63 -0.66
C LEU A 261 -3.22 33.91 0.80
N LEU A 262 -3.53 32.84 1.54
CA LEU A 262 -3.87 32.99 2.95
C LEU A 262 -2.72 33.59 3.80
N GLU A 263 -1.49 33.05 3.63
CA GLU A 263 -0.29 33.51 4.37
C GLU A 263 -0.08 35.02 4.17
N GLN A 264 -0.16 35.45 2.91
CA GLN A 264 0.00 36.86 2.55
C GLN A 264 -1.08 37.73 3.17
N LEU A 265 -2.34 37.27 3.10
CA LEU A 265 -3.45 38.05 3.68
C LEU A 265 -3.31 38.12 5.22
N LYS A 266 -2.88 37.00 5.80
CA LYS A 266 -2.78 36.90 7.24
C LYS A 266 -1.66 37.76 7.80
N LYS A 267 -0.57 37.93 7.04
CA LYS A 267 0.49 38.87 7.43
C LYS A 267 0.01 40.31 7.52
N GLU A 268 -0.94 40.68 6.66
CA GLU A 268 -1.40 42.06 6.59
C GLU A 268 -2.55 42.37 7.50
N PHE A 269 -3.44 41.39 7.73
CA PHE A 269 -4.77 41.67 8.34
C PHE A 269 -5.05 40.83 9.58
N GLN A 270 -5.07 41.52 10.73
CA GLN A 270 -5.34 40.91 12.04
C GLN A 270 -6.75 40.34 12.12
N GLU A 271 -7.66 40.90 11.32
CA GLU A 271 -9.01 40.38 11.13
C GLU A 271 -9.03 38.86 10.77
N LEU A 272 -7.90 38.34 10.27
CA LEU A 272 -7.81 36.98 9.80
C LEU A 272 -7.11 36.02 10.77
N ASP A 273 -6.94 36.44 12.04
CA ASP A 273 -6.25 35.62 13.04
C ASP A 273 -6.92 34.25 13.29
N ALA A 274 -8.23 34.15 13.11
CA ALA A 274 -8.95 32.86 13.28
C ALA A 274 -8.69 31.78 12.22
N PHE A 275 -8.12 32.18 11.07
CA PHE A 275 -7.92 31.26 9.96
C PHE A 275 -6.51 30.74 10.00
N CYS A 276 -6.33 29.51 9.49
CA CYS A 276 -5.03 28.85 9.45
C CYS A 276 -4.93 27.97 8.22
N SER A 277 -3.71 27.49 7.91
CA SER A 277 -3.48 26.75 6.68
C SER A 277 -4.29 25.43 6.64
N TYR A 278 -4.60 24.86 7.80
CA TYR A 278 -5.38 23.60 7.89
C TYR A 278 -6.79 23.79 7.30
N HIS A 279 -7.33 25.01 7.34
CA HIS A 279 -8.61 25.29 6.66
C HIS A 279 -8.46 25.07 5.13
N VAL A 280 -7.35 25.56 4.58
CA VAL A 280 -7.08 25.42 3.16
C VAL A 280 -6.87 23.95 2.80
N LYS A 281 -6.09 23.25 3.64
CA LYS A 281 -5.79 21.82 3.45
C LYS A 281 -7.07 21.00 3.44
N THR A 282 -7.96 21.32 4.38
CA THR A 282 -9.23 20.62 4.50
C THR A 282 -10.05 20.88 3.24
N ALA A 283 -10.09 22.13 2.79
CA ALA A 283 -10.89 22.46 1.62
C ALA A 283 -10.40 21.72 0.37
N ILE A 284 -9.08 21.65 0.18
CA ILE A 284 -8.56 20.98 -0.99
C ILE A 284 -8.76 19.43 -0.94
N PHE A 285 -8.76 18.84 0.27
CA PHE A 285 -9.12 17.43 0.39
C PHE A 285 -10.54 17.18 -0.16
N HIS A 286 -11.50 18.05 0.21
CA HIS A 286 -12.84 18.01 -0.36
C HIS A 286 -12.88 18.18 -1.90
N MET A 287 -12.10 19.14 -2.42
CA MET A 287 -12.01 19.33 -3.87
C MET A 287 -11.40 18.13 -4.62
N TRP A 288 -10.41 17.50 -4.01
CA TRP A 288 -9.81 16.29 -4.56
C TRP A 288 -10.78 15.11 -4.57
N THR A 289 -11.72 15.10 -3.63
CA THR A 289 -12.80 14.12 -3.59
C THR A 289 -13.87 14.42 -4.63
N GLN A 290 -14.23 15.69 -4.77
CA GLN A 290 -15.23 16.09 -5.75
C GLN A 290 -14.76 15.88 -7.20
N ASP A 291 -13.46 16.11 -7.44
CA ASP A 291 -12.86 16.04 -8.80
C ASP A 291 -11.73 15.01 -8.77
N PRO A 292 -12.05 13.70 -8.73
CA PRO A 292 -11.03 12.69 -8.46
C PRO A 292 -10.10 12.36 -9.63
N GLN A 293 -10.52 12.68 -10.87
CA GLN A 293 -9.74 12.29 -12.04
C GLN A 293 -8.48 13.14 -12.13
N ASP A 294 -7.35 12.48 -12.46
CA ASP A 294 -6.09 13.19 -12.62
C ASP A 294 -6.17 14.23 -13.74
N SER A 295 -7.00 13.92 -14.75
CA SER A 295 -7.23 14.81 -15.89
C SER A 295 -7.97 16.11 -15.49
N GLN A 296 -8.65 16.11 -14.35
CA GLN A 296 -9.21 17.33 -13.76
C GLN A 296 -8.16 18.20 -13.03
N TRP A 297 -6.91 17.71 -12.96
CA TRP A 297 -5.79 18.50 -12.38
C TRP A 297 -4.60 18.54 -13.33
N ASP A 298 -4.90 18.73 -14.62
CA ASP A 298 -3.86 18.88 -15.62
C ASP A 298 -3.05 20.17 -15.40
N PRO A 299 -1.69 20.13 -15.40
CA PRO A 299 -0.85 21.32 -15.26
C PRO A 299 -1.14 22.45 -16.26
N ARG A 300 -1.50 22.11 -17.50
CA ARG A 300 -1.90 23.12 -18.52
C ARG A 300 -3.09 23.95 -18.01
N ASN A 301 -3.92 23.40 -17.11
CA ASN A 301 -5.11 24.10 -16.58
C ASN A 301 -4.96 24.64 -15.15
N LEU A 302 -3.71 24.99 -14.78
CA LEU A 302 -3.39 25.47 -13.43
C LEU A 302 -4.33 26.62 -12.98
N SER A 303 -4.59 27.56 -13.87
CA SER A 303 -5.40 28.76 -13.54
C SER A 303 -6.80 28.39 -13.21
N SER A 304 -7.43 27.53 -14.03
CA SER A 304 -8.79 27.16 -13.77
C SER A 304 -8.87 26.24 -12.57
N CYS A 305 -7.89 25.35 -12.37
CA CYS A 305 -7.88 24.52 -11.16
C CYS A 305 -7.77 25.35 -9.87
N PHE A 306 -6.89 26.36 -9.87
CA PHE A 306 -6.74 27.23 -8.71
C PHE A 306 -8.02 28.03 -8.55
N ASP A 307 -8.57 28.51 -9.67
CA ASP A 307 -9.83 29.25 -9.64
C ASP A 307 -11.00 28.45 -9.02
N LYS A 308 -11.13 27.15 -9.35
CA LYS A 308 -12.22 26.38 -8.78
C LYS A 308 -12.01 26.11 -7.28
N LEU A 309 -10.75 25.85 -6.87
CA LEU A 309 -10.46 25.78 -5.45
C LEU A 309 -10.92 27.07 -4.71
N LEU A 310 -10.56 28.23 -5.27
CA LEU A 310 -10.96 29.50 -4.70
C LEU A 310 -12.46 29.64 -4.61
N ALA A 311 -13.17 29.30 -5.70
CA ALA A 311 -14.63 29.39 -5.71
C ALA A 311 -15.18 28.48 -4.63
N PHE A 312 -14.62 27.27 -4.49
CA PHE A 312 -15.09 26.30 -3.47
C PHE A 312 -14.91 26.89 -2.06
N PHE A 313 -13.71 27.45 -1.81
CA PHE A 313 -13.39 28.02 -0.50
C PHE A 313 -14.31 29.20 -0.14
N LEU A 314 -14.59 30.06 -1.13
CA LEU A 314 -15.53 31.15 -0.96
C LEU A 314 -16.90 30.70 -0.54
N GLU A 315 -17.38 29.63 -1.17
CA GLU A 315 -18.68 29.03 -0.83
C GLU A 315 -18.67 28.50 0.61
N CYS A 316 -17.56 27.85 1.03
CA CYS A 316 -17.46 27.38 2.40
C CYS A 316 -17.55 28.53 3.38
N LEU A 317 -16.89 29.65 3.05
CA LEU A 317 -16.89 30.82 3.93
C LEU A 317 -18.31 31.39 4.04
N ARG A 318 -18.94 31.57 2.88
CA ARG A 318 -20.23 32.31 2.78
C ARG A 318 -21.37 31.44 3.31
N THR A 319 -21.25 30.12 3.22
CA THR A 319 -22.29 29.26 3.84
C THR A 319 -21.90 28.80 5.26
N GLU A 320 -20.74 29.26 5.77
CA GLU A 320 -20.28 28.89 7.10
C GLU A 320 -20.18 27.38 7.28
N LYS A 321 -19.63 26.68 6.27
CA LYS A 321 -19.60 25.22 6.30
C LYS A 321 -18.32 24.67 5.70
N LEU A 322 -17.49 24.01 6.55
CA LEU A 322 -16.27 23.34 6.15
C LEU A 322 -16.06 22.17 7.09
N ASP A 323 -16.57 21.00 6.69
CA ASP A 323 -16.52 19.82 7.52
C ASP A 323 -15.10 19.26 7.59
N HIS A 324 -14.67 18.90 8.80
CA HIS A 324 -13.43 18.18 8.99
C HIS A 324 -13.47 16.95 8.09
N TYR A 325 -12.37 16.66 7.40
CA TYR A 325 -12.34 15.61 6.34
C TYR A 325 -12.52 14.22 6.98
N PHE A 326 -12.13 14.05 8.25
CA PHE A 326 -12.16 12.76 8.97
C PHE A 326 -13.35 12.61 9.92
N ILE A 327 -13.96 13.75 10.28
CA ILE A 327 -14.97 13.82 11.32
C ILE A 327 -16.07 14.74 10.77
N PRO A 328 -17.00 14.19 9.97
CA PRO A 328 -17.89 15.02 9.16
C PRO A 328 -18.83 15.93 9.97
N LYS A 329 -19.18 15.52 11.19
CA LYS A 329 -20.05 16.33 12.01
C LYS A 329 -19.33 17.53 12.62
N PHE A 330 -18.00 17.58 12.51
CA PHE A 330 -17.27 18.72 13.06
C PHE A 330 -17.07 19.79 11.98
N ASN A 331 -17.71 20.95 12.17
CA ASN A 331 -17.69 22.09 11.22
C ASN A 331 -16.66 23.13 11.66
N LEU A 332 -15.52 23.18 10.96
CA LEU A 332 -14.42 24.09 11.25
C LEU A 332 -14.80 25.55 11.07
N PHE A 333 -15.86 25.81 10.28
CA PHE A 333 -16.34 27.15 10.01
C PHE A 333 -17.66 27.47 10.70
N SER A 334 -18.00 26.76 11.78
CA SER A 334 -19.23 27.12 12.50
C SER A 334 -19.06 28.53 13.11
N GLN A 335 -20.19 29.22 13.33
CA GLN A 335 -20.23 30.51 14.03
C GLN A 335 -19.63 30.37 15.43
N GLU A 336 -19.76 29.20 16.05
CA GLU A 336 -19.15 28.97 17.36
C GLU A 336 -17.63 29.06 17.39
N LEU A 337 -16.97 28.84 16.24
CA LEU A 337 -15.51 28.88 16.15
C LEU A 337 -14.99 30.15 15.48
N ILE A 338 -15.72 30.65 14.48
CA ILE A 338 -15.28 31.81 13.71
C ILE A 338 -16.50 32.70 13.43
N ASP A 339 -16.40 33.99 13.77
CA ASP A 339 -17.42 35.03 13.51
C ASP A 339 -17.79 35.14 12.05
N ARG A 340 -19.07 35.45 11.79
CA ARG A 340 -19.58 35.84 10.44
C ARG A 340 -18.68 36.92 9.82
N LYS A 341 -18.38 37.98 10.58
CA LYS A 341 -17.63 39.15 10.11
C LYS A 341 -16.27 38.75 9.55
N SER A 342 -15.60 37.82 10.24
CA SER A 342 -14.29 37.33 9.84
C SER A 342 -14.36 36.59 8.52
N LYS A 343 -15.38 35.73 8.37
CA LYS A 343 -15.59 34.97 7.15
C LYS A 343 -15.92 35.88 5.96
N GLU A 344 -16.76 36.90 6.20
CA GLU A 344 -17.10 37.86 5.17
C GLU A 344 -15.91 38.74 4.79
N PHE A 345 -15.14 39.19 5.78
CA PHE A 345 -13.90 39.94 5.50
C PHE A 345 -12.96 39.15 4.56
N LEU A 346 -12.72 37.87 4.89
CA LEU A 346 -11.88 37.01 4.08
C LEU A 346 -12.46 36.77 2.67
N SER A 347 -13.77 36.56 2.60
CA SER A 347 -14.49 36.40 1.33
C SER A 347 -14.25 37.58 0.39
N LYS A 348 -14.43 38.79 0.89
CA LYS A 348 -14.21 39.99 0.08
C LYS A 348 -12.74 40.09 -0.37
N LYS A 349 -11.80 39.82 0.53
CA LYS A 349 -10.38 39.84 0.16
C LYS A 349 -10.05 38.84 -0.96
N ILE A 350 -10.54 37.61 -0.83
CA ILE A 350 -10.27 36.58 -1.81
C ILE A 350 -10.87 36.97 -3.18
N GLU A 351 -12.13 37.44 -3.17
CA GLU A 351 -12.80 37.82 -4.41
C GLU A 351 -12.09 38.99 -5.09
N TYR A 352 -11.56 39.93 -4.30
CA TYR A 352 -10.75 41.07 -4.80
C TYR A 352 -9.50 40.55 -5.53
N GLU A 353 -8.73 39.65 -4.90
CA GLU A 353 -7.46 39.19 -5.48
C GLU A 353 -7.76 38.49 -6.80
N ARG A 354 -8.76 37.60 -6.75
CA ARG A 354 -9.26 36.79 -7.89
C ARG A 354 -9.60 37.71 -9.06
N ASN A 355 -10.32 38.80 -8.83
CA ASN A 355 -10.83 39.60 -9.93
C ASN A 355 -9.93 40.72 -10.40
N ASN A 356 -8.78 40.87 -9.75
CA ASN A 356 -7.84 41.95 -10.06
C ASN A 356 -6.41 41.40 -10.26
N GLY A 357 -6.32 40.13 -10.64
CA GLY A 357 -5.05 39.51 -11.00
C GLY A 357 -4.03 39.26 -9.91
N PHE A 358 -4.50 39.06 -8.67
CA PHE A 358 -3.67 38.63 -7.56
C PHE A 358 -2.48 39.55 -7.29
N PRO A 359 -2.73 40.86 -7.06
CA PRO A 359 -1.65 41.79 -6.73
C PRO A 359 -0.90 41.39 -5.44
N ILE A 360 -1.56 40.69 -4.51
CA ILE A 360 -0.89 40.28 -3.27
C ILE A 360 0.24 39.23 -3.50
N PHE A 361 0.19 38.55 -4.66
CA PHE A 361 1.26 37.61 -5.02
C PHE A 361 2.56 38.34 -5.38
N ASP A 362 2.47 39.63 -5.72
CA ASP A 362 3.64 40.45 -6.06
C ASP A 362 4.40 41.07 -4.90
N LYS A 363 3.79 41.10 -3.70
CA LYS A 363 4.34 41.82 -2.56
C LYS A 363 5.68 41.19 -2.20
N LYS B 6 -21.57 -14.35 -25.99
CA LYS B 6 -20.86 -15.53 -26.64
C LYS B 6 -19.56 -15.85 -25.89
N LEU B 7 -18.61 -14.92 -25.86
CA LEU B 7 -17.54 -15.01 -24.86
C LEU B 7 -18.14 -14.89 -23.45
N LYS B 8 -19.18 -14.09 -23.32
CA LYS B 8 -19.85 -13.91 -22.03
C LYS B 8 -20.53 -15.21 -21.57
N LYS B 9 -21.10 -15.95 -22.50
CA LYS B 9 -21.73 -17.25 -22.21
C LYS B 9 -20.66 -18.27 -21.78
N VAL B 10 -19.49 -18.19 -22.40
CA VAL B 10 -18.38 -19.06 -22.02
C VAL B 10 -17.97 -18.73 -20.59
N LEU B 11 -17.81 -17.45 -20.28
CA LEU B 11 -17.45 -17.03 -18.93
C LEU B 11 -18.48 -17.51 -17.92
N ASP B 12 -19.78 -17.48 -18.29
CA ASP B 12 -20.83 -18.02 -17.44
C ASP B 12 -20.61 -19.50 -17.10
N LYS B 13 -20.19 -20.27 -18.10
CA LYS B 13 -19.92 -21.69 -17.90
C LYS B 13 -18.68 -21.92 -17.01
N LEU B 14 -17.67 -21.07 -17.15
CA LEU B 14 -16.42 -21.17 -16.39
C LEU B 14 -16.53 -20.71 -14.90
N ARG B 15 -17.57 -19.92 -14.59
CA ARG B 15 -17.77 -19.33 -13.24
C ARG B 15 -17.95 -20.46 -12.22
N LEU B 16 -17.24 -20.38 -11.10
CA LEU B 16 -17.38 -21.35 -10.01
C LEU B 16 -18.66 -21.07 -9.31
N LYS B 17 -19.31 -22.11 -8.79
CA LYS B 17 -20.54 -21.97 -8.03
C LYS B 17 -20.23 -21.80 -6.53
N ARG B 18 -20.95 -20.89 -5.87
CA ARG B 18 -20.73 -20.53 -4.44
C ARG B 18 -20.81 -21.79 -3.56
N LYS B 19 -21.76 -22.66 -3.85
CA LYS B 19 -21.93 -23.91 -3.10
C LYS B 19 -20.74 -24.85 -3.27
N ASP B 20 -20.18 -24.95 -4.50
CA ASP B 20 -19.02 -25.81 -4.76
C ASP B 20 -17.79 -25.25 -4.05
N ILE B 21 -17.63 -23.93 -4.10
CA ILE B 21 -16.53 -23.22 -3.43
C ILE B 21 -16.58 -23.56 -1.94
N SER B 22 -17.77 -23.39 -1.34
CA SER B 22 -17.96 -23.61 0.07
C SER B 22 -17.57 -25.03 0.51
N GLU B 23 -18.04 -26.02 -0.24
CA GLU B 23 -17.81 -27.43 0.11
C GLU B 23 -16.36 -27.85 -0.09
N ALA B 24 -15.72 -27.38 -1.18
CA ALA B 24 -14.34 -27.70 -1.46
C ALA B 24 -13.40 -27.04 -0.44
N ALA B 25 -13.56 -25.74 -0.21
CA ALA B 25 -12.73 -25.02 0.78
C ALA B 25 -12.82 -25.59 2.19
N GLU B 26 -14.01 -25.99 2.60
CA GLU B 26 -14.17 -26.55 3.94
C GLU B 26 -13.24 -27.77 4.15
N THR B 27 -13.22 -28.67 3.17
CA THR B 27 -12.37 -29.86 3.26
C THR B 27 -10.87 -29.55 3.09
N VAL B 28 -10.52 -28.72 2.12
CA VAL B 28 -9.15 -28.29 1.91
C VAL B 28 -8.61 -27.63 3.19
N ASN B 29 -9.41 -26.76 3.80
CA ASN B 29 -8.95 -26.01 4.98
C ASN B 29 -8.67 -26.95 6.16
N LYS B 30 -9.52 -27.96 6.35
CA LYS B 30 -9.31 -29.00 7.41
C LYS B 30 -7.97 -29.71 7.24
N VAL B 31 -7.73 -30.25 6.03
CA VAL B 31 -6.51 -30.99 5.74
C VAL B 31 -5.26 -30.09 5.89
N VAL B 32 -5.29 -28.89 5.30
CA VAL B 32 -4.17 -27.97 5.34
C VAL B 32 -3.81 -27.56 6.77
N GLU B 33 -4.82 -27.17 7.56
CA GLU B 33 -4.62 -26.77 8.97
C GLU B 33 -3.95 -27.92 9.77
N ARG B 34 -4.46 -29.14 9.60
CA ARG B 34 -3.91 -30.31 10.31
C ARG B 34 -2.44 -30.57 9.90
N LEU B 35 -2.09 -30.43 8.61
CA LEU B 35 -0.70 -30.62 8.20
C LEU B 35 0.19 -29.51 8.74
N LEU B 36 -0.32 -28.26 8.72
CA LEU B 36 0.47 -27.13 9.21
C LEU B 36 0.76 -27.26 10.71
N ARG B 37 -0.23 -27.75 11.45
CA ARG B 37 -0.11 -27.96 12.92
C ARG B 37 0.92 -29.07 13.19
N ARG B 38 0.89 -30.18 12.44
CA ARG B 38 1.91 -31.28 12.51
C ARG B 38 3.32 -30.70 12.34
N MET B 39 3.52 -29.82 11.38
CA MET B 39 4.83 -29.22 11.14
C MET B 39 5.38 -28.41 12.35
N GLN B 40 4.49 -28.02 13.28
CA GLN B 40 4.88 -27.20 14.46
C GLN B 40 5.26 -27.87 15.77
N LYS B 41 4.27 -28.04 16.64
CA LYS B 41 4.45 -28.34 18.07
C LYS B 41 5.23 -29.62 18.16
N ARG B 42 5.18 -30.39 17.07
CA ARG B 42 6.07 -31.55 16.83
C ARG B 42 7.49 -31.00 16.63
N GLU B 43 8.51 -31.80 17.00
CA GLU B 43 9.94 -31.39 17.00
C GLU B 43 10.61 -31.57 15.63
N SER B 44 9.91 -30.99 14.66
CA SER B 44 10.23 -31.09 13.28
C SER B 44 11.20 -29.95 12.93
N GLU B 45 12.02 -30.23 11.92
CA GLU B 45 12.95 -29.30 11.31
C GLU B 45 12.20 -28.11 10.68
N PHE B 46 10.89 -28.26 10.51
CA PHE B 46 10.08 -27.25 9.86
C PHE B 46 9.23 -26.41 10.81
N LYS B 47 9.48 -26.54 12.11
CA LYS B 47 8.81 -25.74 13.13
C LYS B 47 8.96 -24.27 12.74
N GLY B 48 7.85 -23.54 12.73
CA GLY B 48 7.88 -22.12 12.40
C GLY B 48 7.50 -21.83 10.96
N VAL B 49 7.26 -22.88 10.17
CA VAL B 49 6.77 -22.73 8.81
C VAL B 49 5.41 -22.02 8.89
N GLU B 50 5.15 -21.11 7.95
CA GLU B 50 3.92 -20.32 7.92
C GLU B 50 3.23 -20.53 6.58
N GLN B 51 1.90 -20.40 6.56
CA GLN B 51 1.07 -20.66 5.39
C GLN B 51 0.90 -19.40 4.53
N LEU B 52 1.01 -19.56 3.21
CA LEU B 52 0.69 -18.51 2.25
C LEU B 52 -0.03 -19.17 1.08
N ASN B 53 -1.31 -18.83 0.90
CA ASN B 53 -2.14 -19.38 -0.16
C ASN B 53 -1.83 -18.66 -1.47
N THR B 54 -1.68 -19.43 -2.54
CA THR B 54 -1.21 -18.92 -3.82
C THR B 54 -2.02 -19.52 -4.97
N GLY B 55 -1.73 -19.06 -6.18
CA GLY B 55 -2.27 -19.66 -7.39
C GLY B 55 -3.68 -19.23 -7.67
N SER B 56 -4.30 -19.86 -8.67
CA SER B 56 -5.48 -19.28 -9.31
C SER B 56 -6.70 -19.15 -8.41
N TYR B 57 -6.87 -20.08 -7.46
CA TYR B 57 -8.06 -20.08 -6.59
C TYR B 57 -8.03 -18.82 -5.71
N TYR B 58 -6.88 -18.50 -5.12
CA TYR B 58 -6.70 -17.36 -4.19
C TYR B 58 -6.55 -16.05 -4.98
N GLU B 59 -6.30 -16.11 -6.29
CA GLU B 59 -6.26 -14.95 -7.18
C GLU B 59 -7.62 -14.70 -7.88
N HIS B 60 -8.58 -15.61 -7.64
CA HIS B 60 -9.94 -15.52 -8.16
C HIS B 60 -9.97 -15.65 -9.71
N VAL B 61 -9.01 -16.41 -10.27
CA VAL B 61 -8.99 -16.72 -11.68
C VAL B 61 -9.01 -18.25 -11.94
N LYS B 62 -9.43 -19.05 -10.93
CA LYS B 62 -9.68 -20.46 -11.15
C LYS B 62 -10.93 -20.61 -12.03
N ILE B 63 -10.88 -21.49 -13.01
CA ILE B 63 -12.04 -21.77 -13.88
C ILE B 63 -12.65 -23.16 -13.68
N SER B 64 -13.94 -23.29 -14.06
CA SER B 64 -14.66 -24.56 -14.24
C SER B 64 -15.12 -25.21 -12.96
N ALA B 65 -14.20 -25.41 -12.03
CA ALA B 65 -14.52 -26.03 -10.74
C ALA B 65 -13.42 -25.68 -9.75
N PRO B 66 -13.74 -25.67 -8.43
CA PRO B 66 -12.72 -25.46 -7.39
C PRO B 66 -12.02 -26.81 -7.07
N ASN B 67 -11.21 -27.29 -8.00
CA ASN B 67 -10.62 -28.62 -7.89
C ASN B 67 -9.10 -28.65 -7.84
N GLU B 68 -8.46 -27.49 -7.70
CA GLU B 68 -7.00 -27.41 -7.62
C GLU B 68 -6.55 -26.19 -6.81
N PHE B 69 -5.88 -26.45 -5.69
CA PHE B 69 -5.51 -25.42 -4.70
C PHE B 69 -4.01 -25.48 -4.48
N ASP B 70 -3.37 -24.30 -4.38
CA ASP B 70 -1.94 -24.18 -4.12
C ASP B 70 -1.65 -23.45 -2.80
N VAL B 71 -0.77 -24.04 -1.98
CA VAL B 71 -0.40 -23.49 -0.68
C VAL B 71 1.09 -23.61 -0.48
N MET B 72 1.73 -22.50 -0.12
CA MET B 72 3.12 -22.50 0.28
C MET B 72 3.26 -22.62 1.78
N PHE B 73 4.16 -23.50 2.21
CA PHE B 73 4.55 -23.59 3.59
C PHE B 73 5.95 -22.98 3.59
N LYS B 74 6.06 -21.72 4.02
CA LYS B 74 7.27 -20.92 3.87
C LYS B 74 8.04 -20.83 5.21
N LEU B 75 9.35 -21.11 5.14
CA LEU B 75 10.21 -21.20 6.29
C LEU B 75 11.28 -20.12 6.17
N GLU B 76 11.31 -19.19 7.14
CA GLU B 76 12.35 -18.15 7.15
C GLU B 76 13.68 -18.79 7.50
N VAL B 77 14.71 -18.52 6.69
CA VAL B 77 16.03 -19.09 6.91
C VAL B 77 17.11 -18.04 7.12
N PRO B 78 17.95 -18.18 8.19
CA PRO B 78 18.89 -17.12 8.57
C PRO B 78 19.90 -16.86 7.46
N ARG B 79 20.28 -15.59 7.28
CA ARG B 79 20.98 -15.02 6.09
C ARG B 79 21.70 -16.14 5.31
N ILE B 80 21.09 -16.58 4.20
CA ILE B 80 21.69 -17.53 3.28
C ILE B 80 22.47 -16.80 2.23
N GLU B 81 23.36 -17.52 1.55
CA GLU B 81 24.11 -17.04 0.41
C GLU B 81 23.73 -17.89 -0.81
N LEU B 82 23.42 -17.20 -1.91
CA LEU B 82 22.92 -17.80 -3.13
C LEU B 82 24.01 -17.81 -4.16
N GLN B 83 24.08 -18.90 -4.91
CA GLN B 83 24.96 -18.99 -6.04
C GLN B 83 24.11 -19.45 -7.21
N GLU B 84 24.06 -18.61 -8.25
CA GLU B 84 23.31 -18.89 -9.45
C GLU B 84 23.82 -20.12 -10.13
N TYR B 85 22.90 -20.99 -10.54
CA TYR B 85 23.24 -22.28 -11.19
C TYR B 85 23.41 -22.01 -12.70
N TYR B 86 24.66 -22.15 -13.17
CA TYR B 86 25.09 -21.69 -14.51
C TYR B 86 24.73 -20.22 -14.58
N GLU B 87 23.96 -19.87 -15.62
CA GLU B 87 23.49 -18.54 -15.79
C GLU B 87 22.00 -18.68 -16.10
N THR B 88 21.34 -19.64 -15.42
CA THR B 88 19.91 -19.89 -15.66
C THR B 88 18.96 -18.79 -15.12
N GLY B 89 19.47 -17.89 -14.26
CA GLY B 89 18.67 -16.85 -13.61
C GLY B 89 17.67 -17.29 -12.54
N ALA B 90 17.02 -18.44 -12.76
CA ALA B 90 15.95 -18.94 -11.90
C ALA B 90 16.42 -19.94 -10.85
N PHE B 91 17.51 -20.66 -11.11
CA PHE B 91 17.94 -21.77 -10.26
C PHE B 91 19.20 -21.41 -9.52
N TYR B 92 19.32 -21.89 -8.27
CA TYR B 92 20.36 -21.50 -7.29
C TYR B 92 20.80 -22.70 -6.42
N LEU B 93 22.09 -22.70 -6.06
CA LEU B 93 22.58 -23.42 -4.91
C LEU B 93 22.50 -22.48 -3.72
N VAL B 94 22.20 -23.03 -2.55
CA VAL B 94 21.96 -22.29 -1.32
C VAL B 94 22.97 -22.78 -0.27
N LYS B 95 23.75 -21.85 0.30
CA LYS B 95 24.60 -22.08 1.46
C LYS B 95 24.17 -21.28 2.69
N PHE B 96 24.77 -21.59 3.85
CA PHE B 96 24.85 -20.69 5.01
C PHE B 96 26.24 -20.05 5.10
N LEU B 105 18.23 -27.69 10.51
CA LEU B 105 18.38 -27.77 9.06
C LEU B 105 19.72 -28.38 8.62
N SER B 106 20.65 -28.55 9.57
CA SER B 106 21.95 -29.11 9.26
C SER B 106 21.84 -30.57 8.74
N HIS B 107 20.74 -31.26 9.12
CA HIS B 107 20.37 -32.58 8.58
C HIS B 107 20.23 -32.63 7.04
N PHE B 108 19.96 -31.47 6.41
CA PHE B 108 19.69 -31.38 4.98
C PHE B 108 20.84 -30.85 4.14
N LEU B 109 22.03 -30.74 4.76
CA LEU B 109 23.23 -30.32 4.06
C LEU B 109 23.84 -31.48 3.25
N GLU B 110 24.34 -31.15 2.06
CA GLU B 110 25.21 -32.02 1.27
C GLU B 110 26.50 -31.24 1.16
N GLY B 111 27.46 -31.58 2.03
CA GLY B 111 28.64 -30.78 2.30
C GLY B 111 28.46 -29.28 2.12
N GLU B 112 27.85 -28.61 3.09
CA GLU B 112 27.66 -27.14 3.09
C GLU B 112 26.50 -26.54 2.27
N VAL B 113 26.02 -27.24 1.23
CA VAL B 113 24.84 -26.78 0.48
C VAL B 113 23.58 -27.39 1.04
N LEU B 114 22.58 -26.53 1.22
CA LEU B 114 21.27 -26.95 1.66
C LEU B 114 20.57 -27.66 0.50
N SER B 115 20.47 -28.99 0.60
CA SER B 115 19.96 -29.82 -0.47
C SER B 115 18.46 -29.72 -0.60
N ALA B 116 17.98 -29.22 -1.75
CA ALA B 116 16.54 -29.25 -2.07
C ALA B 116 15.91 -30.65 -1.96
N THR B 117 16.61 -31.67 -2.48
CA THR B 117 16.10 -33.04 -2.41
C THR B 117 15.99 -33.62 -1.00
N LYS B 118 17.04 -33.47 -0.17
CA LYS B 118 16.97 -33.93 1.22
C LYS B 118 15.86 -33.25 2.02
N MET B 119 15.79 -31.91 1.90
CA MET B 119 14.82 -31.16 2.65
C MET B 119 13.38 -31.49 2.20
N LEU B 120 13.16 -31.48 0.88
CA LEU B 120 11.87 -31.87 0.33
C LEU B 120 11.48 -33.31 0.72
N SER B 121 12.46 -34.24 0.72
CA SER B 121 12.18 -35.63 1.10
C SER B 121 11.68 -35.77 2.53
N LYS B 122 12.28 -35.04 3.48
CA LYS B 122 11.82 -35.10 4.86
C LYS B 122 10.42 -34.43 5.01
N PHE B 123 10.23 -33.26 4.38
CA PHE B 123 8.94 -32.58 4.32
C PHE B 123 7.84 -33.56 3.86
N ARG B 124 8.08 -34.21 2.73
CA ARG B 124 7.16 -35.19 2.10
C ARG B 124 6.90 -36.37 3.04
N LYS B 125 7.94 -36.91 3.70
CA LYS B 125 7.78 -37.99 4.68
C LYS B 125 6.79 -37.60 5.82
N ILE B 126 6.97 -36.39 6.36
CA ILE B 126 6.14 -35.90 7.43
C ILE B 126 4.68 -35.81 6.95
N ILE B 127 4.46 -35.26 5.76
CA ILE B 127 3.11 -35.11 5.25
C ILE B 127 2.47 -36.45 5.04
N LYS B 128 3.21 -37.41 4.48
CA LYS B 128 2.69 -38.76 4.30
C LYS B 128 2.26 -39.42 5.59
N GLU B 129 3.08 -39.28 6.64
CA GLU B 129 2.76 -39.86 7.94
C GLU B 129 1.47 -39.27 8.50
N GLU B 130 1.34 -37.96 8.46
CA GLU B 130 0.13 -37.29 8.96
C GLU B 130 -1.11 -37.63 8.15
N VAL B 131 -0.95 -37.80 6.84
CA VAL B 131 -2.06 -38.09 5.96
C VAL B 131 -2.65 -39.46 6.27
N LYS B 132 -1.79 -40.41 6.67
CA LYS B 132 -2.22 -41.75 7.00
C LYS B 132 -3.14 -41.78 8.23
N GLU B 133 -2.97 -40.82 9.14
CA GLU B 133 -3.79 -40.68 10.34
C GLU B 133 -5.09 -39.88 10.14
N ILE B 134 -5.35 -39.37 8.94
CA ILE B 134 -6.59 -38.64 8.65
C ILE B 134 -7.66 -39.66 8.39
N LYS B 135 -8.66 -39.74 9.28
CA LYS B 135 -9.71 -40.74 9.18
C LYS B 135 -11.07 -40.19 8.79
N ASP B 136 -11.23 -38.87 8.79
CA ASP B 136 -12.53 -38.27 8.48
C ASP B 136 -12.67 -37.83 7.02
N ILE B 137 -11.56 -37.82 6.27
CA ILE B 137 -11.55 -37.31 4.88
C ILE B 137 -10.80 -38.30 4.00
N ASP B 138 -11.30 -38.51 2.78
CA ASP B 138 -10.68 -39.42 1.81
C ASP B 138 -9.56 -38.65 1.12
N VAL B 139 -8.33 -38.79 1.63
CA VAL B 139 -7.18 -38.05 1.14
C VAL B 139 -5.95 -38.97 1.05
N SER B 140 -5.18 -38.86 -0.04
CA SER B 140 -3.94 -39.61 -0.23
C SER B 140 -2.88 -38.71 -0.86
N VAL B 141 -1.62 -39.11 -0.75
CA VAL B 141 -0.51 -38.38 -1.34
C VAL B 141 -0.18 -38.95 -2.71
N GLU B 142 -0.18 -38.11 -3.73
CA GLU B 142 0.10 -38.54 -5.10
C GLU B 142 1.56 -38.96 -5.22
N LYS B 143 1.82 -40.02 -5.99
CA LYS B 143 3.17 -40.47 -6.34
C LYS B 143 4.05 -39.28 -6.73
N GLU B 144 5.29 -39.24 -6.23
CA GLU B 144 6.17 -38.09 -6.51
C GLU B 144 6.46 -37.97 -8.02
N LYS B 145 6.44 -36.73 -8.53
CA LYS B 145 6.90 -36.41 -9.90
C LYS B 145 8.30 -35.80 -9.76
N PRO B 146 9.33 -36.29 -10.49
CA PRO B 146 10.69 -35.75 -10.35
C PRO B 146 10.83 -34.25 -10.69
N GLY B 147 9.99 -33.70 -11.57
CA GLY B 147 10.04 -32.28 -11.92
C GLY B 147 9.38 -31.29 -10.95
N SER B 148 8.74 -31.81 -9.89
CA SER B 148 7.76 -31.02 -9.10
C SER B 148 8.27 -30.60 -7.73
N PRO B 149 8.12 -29.33 -7.33
CA PRO B 149 8.44 -28.93 -5.96
C PRO B 149 7.33 -29.20 -4.94
N ALA B 150 6.19 -29.73 -5.40
CA ALA B 150 4.98 -29.88 -4.58
C ALA B 150 4.91 -31.27 -3.95
N VAL B 151 4.31 -31.35 -2.77
CA VAL B 151 3.74 -32.59 -2.25
C VAL B 151 2.26 -32.40 -2.59
N THR B 152 1.76 -33.25 -3.50
CA THR B 152 0.38 -33.15 -3.98
C THR B 152 -0.54 -34.10 -3.30
N LEU B 153 -1.64 -33.58 -2.74
CA LEU B 153 -2.70 -34.37 -2.10
C LEU B 153 -3.85 -34.58 -3.08
N LEU B 154 -4.43 -35.77 -3.07
CA LEU B 154 -5.65 -36.05 -3.82
C LEU B 154 -6.77 -36.28 -2.82
N ILE B 155 -7.77 -35.38 -2.85
CA ILE B 155 -8.97 -35.47 -2.02
C ILE B 155 -10.15 -35.91 -2.88
N ARG B 156 -10.92 -36.87 -2.38
CA ARG B 156 -12.23 -37.26 -2.93
C ARG B 156 -13.32 -36.78 -1.97
N ASN B 157 -14.04 -35.73 -2.37
CA ASN B 157 -14.99 -35.00 -1.51
C ASN B 157 -16.51 -35.18 -1.59
N PRO B 158 -17.13 -36.08 -2.41
CA PRO B 158 -16.45 -37.06 -3.26
C PRO B 158 -15.78 -36.53 -4.54
N GLU B 159 -16.07 -35.30 -4.95
CA GLU B 159 -15.43 -34.72 -6.12
C GLU B 159 -13.92 -34.73 -5.90
N GLU B 160 -13.17 -34.94 -7.00
CA GLU B 160 -11.73 -34.90 -6.99
C GLU B 160 -11.16 -33.49 -6.83
N ILE B 161 -10.31 -33.32 -5.81
CA ILE B 161 -9.63 -32.05 -5.54
C ILE B 161 -8.16 -32.34 -5.37
N SER B 162 -7.28 -31.61 -6.08
CA SER B 162 -5.87 -31.73 -5.84
C SER B 162 -5.36 -30.51 -5.06
N VAL B 163 -4.44 -30.75 -4.12
CA VAL B 163 -3.83 -29.67 -3.32
C VAL B 163 -2.31 -29.81 -3.40
N ASP B 164 -1.64 -28.75 -3.88
CA ASP B 164 -0.18 -28.70 -3.98
C ASP B 164 0.35 -27.99 -2.73
N ILE B 165 1.03 -28.72 -1.85
CA ILE B 165 1.71 -28.15 -0.68
C ILE B 165 3.15 -27.92 -1.09
N ILE B 166 3.49 -26.64 -1.24
CA ILE B 166 4.79 -26.24 -1.71
C ILE B 166 5.69 -25.70 -0.58
N LEU B 167 6.76 -26.43 -0.29
CA LEU B 167 7.81 -25.98 0.61
C LEU B 167 8.58 -24.81 -0.03
N ALA B 168 8.84 -23.76 0.76
CA ALA B 168 9.52 -22.57 0.26
C ALA B 168 10.42 -21.99 1.34
N LEU B 169 11.66 -21.66 0.97
CA LEU B 169 12.56 -20.93 1.86
C LEU B 169 12.22 -19.44 1.67
N GLU B 170 12.11 -18.71 2.79
CA GLU B 170 11.87 -17.27 2.78
C GLU B 170 13.14 -16.52 3.11
N SER B 171 13.55 -15.63 2.21
CA SER B 171 14.70 -14.78 2.40
C SER B 171 14.28 -13.32 2.34
N LYS B 172 14.77 -12.55 3.33
CA LYS B 172 14.43 -11.16 3.50
C LYS B 172 15.44 -10.20 2.87
N GLY B 173 16.50 -10.73 2.27
CA GLY B 173 17.50 -9.90 1.58
C GLY B 173 16.95 -9.25 0.32
N SER B 174 17.77 -8.37 -0.28
CA SER B 174 17.52 -7.83 -1.62
C SER B 174 17.30 -9.00 -2.58
N TRP B 175 16.39 -8.85 -3.56
CA TRP B 175 16.16 -9.91 -4.52
C TRP B 175 17.41 -10.20 -5.32
N PRO B 176 17.63 -11.44 -5.83
CA PRO B 176 18.84 -11.72 -6.60
C PRO B 176 18.94 -10.83 -7.86
N ILE B 177 20.18 -10.67 -8.31
CA ILE B 177 20.57 -9.77 -9.38
C ILE B 177 19.85 -10.09 -10.69
N SER B 178 19.56 -11.38 -10.92
CA SER B 178 18.83 -11.79 -12.11
C SER B 178 17.46 -11.15 -12.23
N THR B 179 16.90 -10.63 -11.12
CA THR B 179 15.56 -9.98 -11.15
C THR B 179 15.62 -8.46 -11.33
N LYS B 180 16.83 -7.90 -11.40
CA LYS B 180 17.00 -6.45 -11.39
C LYS B 180 16.14 -5.71 -12.42
N GLU B 181 16.04 -6.27 -13.65
CA GLU B 181 15.30 -5.64 -14.74
C GLU B 181 13.97 -6.32 -14.97
N GLY B 182 13.58 -7.20 -14.04
CA GLY B 182 12.30 -7.85 -14.08
C GLY B 182 11.19 -6.99 -13.50
N LEU B 183 9.99 -7.56 -13.36
CA LEU B 183 8.81 -6.86 -12.78
C LEU B 183 8.70 -5.46 -13.41
N PRO B 184 8.57 -5.35 -14.76
CA PRO B 184 8.62 -4.06 -15.47
C PRO B 184 7.30 -3.26 -15.39
N ILE B 185 6.85 -3.00 -14.17
CA ILE B 185 5.53 -2.39 -13.91
C ILE B 185 5.51 -0.86 -13.77
N GLN B 186 6.65 -0.19 -14.03
CA GLN B 186 6.83 1.25 -13.74
C GLN B 186 5.78 2.19 -14.41
N GLY B 187 5.32 1.82 -15.61
CA GLY B 187 4.36 2.60 -16.36
C GLY B 187 2.92 2.23 -16.13
N TRP B 188 2.71 1.14 -15.37
CA TRP B 188 1.41 0.53 -15.18
C TRP B 188 0.97 0.66 -13.70
N LEU B 189 1.64 -0.07 -12.79
CA LEU B 189 1.38 0.01 -11.36
C LEU B 189 2.27 1.08 -10.66
N GLY B 190 3.40 1.40 -11.30
CA GLY B 190 4.27 2.48 -10.87
C GLY B 190 5.51 2.11 -10.06
N THR B 191 6.32 3.14 -9.78
CA THR B 191 7.59 3.01 -9.12
C THR B 191 7.47 2.76 -7.60
N LYS B 192 6.55 3.45 -6.93
CA LYS B 192 6.29 3.18 -5.51
C LYS B 192 5.83 1.75 -5.29
N VAL B 193 4.91 1.27 -6.13
CA VAL B 193 4.46 -0.11 -6.02
C VAL B 193 5.64 -1.07 -6.23
N ARG B 194 6.41 -0.89 -7.32
CA ARG B 194 7.55 -1.79 -7.65
C ARG B 194 8.57 -1.78 -6.49
N THR B 195 8.91 -0.61 -5.98
CA THR B 195 9.86 -0.49 -4.89
C THR B 195 9.38 -1.25 -3.62
N ASN B 196 8.10 -1.06 -3.28
CA ASN B 196 7.50 -1.71 -2.12
C ASN B 196 7.43 -3.21 -2.32
N LEU B 197 7.06 -3.67 -3.52
CA LEU B 197 7.07 -5.08 -3.80
C LEU B 197 8.41 -5.76 -3.61
N ARG B 198 9.49 -5.10 -4.05
CA ARG B 198 10.87 -5.64 -4.01
C ARG B 198 11.45 -5.51 -2.59
N ARG B 199 10.77 -4.81 -1.68
CA ARG B 199 11.10 -4.79 -0.23
C ARG B 199 10.52 -6.02 0.49
N GLU B 200 9.58 -6.72 -0.13
CA GLU B 200 9.06 -7.94 0.46
C GLU B 200 10.10 -9.05 0.30
N PRO B 201 9.96 -10.19 1.02
CA PRO B 201 10.87 -11.31 0.83
C PRO B 201 10.81 -11.89 -0.60
N PHE B 202 11.81 -12.71 -0.96
CA PHE B 202 11.71 -13.60 -2.11
C PHE B 202 11.74 -15.03 -1.56
N TYR B 203 11.28 -15.97 -2.39
CA TYR B 203 11.09 -17.42 -2.03
C TYR B 203 11.90 -18.31 -2.98
N LEU B 204 12.36 -19.46 -2.44
CA LEU B 204 12.98 -20.53 -3.17
C LEU B 204 12.18 -21.80 -2.91
N VAL B 205 11.80 -22.51 -3.99
CA VAL B 205 11.09 -23.76 -3.86
C VAL B 205 11.97 -24.86 -4.44
N PRO B 206 11.82 -26.12 -3.94
CA PRO B 206 12.73 -27.20 -4.29
C PRO B 206 12.37 -27.77 -5.66
N LYS B 207 12.37 -26.93 -6.69
CA LYS B 207 12.16 -27.37 -8.05
C LYS B 207 13.56 -27.46 -8.58
N ASN B 208 13.98 -28.68 -8.95
CA ASN B 208 15.35 -28.91 -9.42
C ASN B 208 15.59 -28.42 -10.89
N ALA B 209 16.78 -27.87 -11.17
CA ALA B 209 17.22 -27.61 -12.53
C ALA B 209 17.47 -28.95 -13.25
N LYS B 210 17.32 -28.95 -14.58
CA LYS B 210 17.40 -30.14 -15.39
C LYS B 210 18.35 -29.87 -16.54
N GLN B 216 21.23 -30.59 -10.59
CA GLN B 216 19.96 -31.33 -10.49
C GLN B 216 19.43 -31.26 -9.03
N GLY B 217 19.83 -32.21 -8.18
CA GLY B 217 19.12 -32.53 -6.96
C GLY B 217 19.14 -31.53 -5.80
N GLU B 218 20.19 -30.71 -5.76
CA GLU B 218 20.37 -29.74 -4.69
C GLU B 218 19.80 -28.38 -5.02
N THR B 219 19.50 -28.14 -6.29
CA THR B 219 19.11 -26.79 -6.75
C THR B 219 17.69 -26.41 -6.36
N TRP B 220 17.51 -25.10 -6.14
CA TRP B 220 16.21 -24.50 -5.79
C TRP B 220 15.89 -23.47 -6.86
N ARG B 221 14.61 -23.10 -6.95
CA ARG B 221 14.12 -22.16 -7.97
C ARG B 221 13.36 -20.99 -7.29
N LEU B 222 13.52 -19.78 -7.83
CA LEU B 222 12.81 -18.58 -7.39
C LEU B 222 11.30 -18.71 -7.58
N SER B 223 10.55 -18.25 -6.58
CA SER B 223 9.10 -18.09 -6.64
C SER B 223 8.70 -16.68 -6.25
N PHE B 224 7.80 -16.08 -7.03
CA PHE B 224 7.22 -14.75 -6.75
C PHE B 224 5.68 -14.85 -6.71
N SER B 225 5.18 -15.99 -6.22
CA SER B 225 3.74 -16.26 -6.16
C SER B 225 3.01 -15.23 -5.31
N HIS B 226 3.68 -14.73 -4.27
CA HIS B 226 3.14 -13.66 -3.43
C HIS B 226 3.00 -12.34 -4.23
N THR B 227 4.01 -12.02 -5.03
CA THR B 227 3.98 -10.82 -5.86
C THR B 227 2.89 -10.91 -6.97
N GLU B 228 2.78 -12.08 -7.57
CA GLU B 228 1.79 -12.34 -8.61
C GLU B 228 0.37 -12.21 -8.06
N LYS B 229 0.15 -12.68 -6.83
CA LYS B 229 -1.15 -12.61 -6.20
C LYS B 229 -1.53 -11.15 -5.96
N TYR B 230 -0.60 -10.37 -5.42
CA TYR B 230 -0.76 -8.91 -5.22
C TYR B 230 -1.16 -8.28 -6.57
N ILE B 231 -0.43 -8.57 -7.63
CA ILE B 231 -0.71 -7.97 -8.93
C ILE B 231 -2.13 -8.26 -9.42
N LEU B 232 -2.56 -9.53 -9.32
CA LEU B 232 -3.89 -9.91 -9.77
C LEU B 232 -4.96 -9.18 -8.96
N ASN B 233 -4.73 -8.98 -7.65
CA ASN B 233 -5.66 -8.24 -6.77
C ASN B 233 -5.55 -6.69 -6.88
N ASN B 234 -4.52 -6.17 -7.55
CA ASN B 234 -4.27 -4.75 -7.64
C ASN B 234 -3.78 -4.45 -9.05
N HIS B 235 -4.64 -4.68 -10.07
CA HIS B 235 -4.16 -4.89 -11.43
C HIS B 235 -4.39 -3.67 -12.36
N GLY B 236 -4.98 -2.60 -11.81
CA GLY B 236 -5.37 -1.45 -12.61
C GLY B 236 -4.34 -0.34 -12.53
N ILE B 237 -4.29 0.50 -13.56
CA ILE B 237 -3.57 1.77 -13.44
C ILE B 237 -4.33 2.70 -12.48
N GLU B 238 -5.66 2.68 -12.53
CA GLU B 238 -6.47 3.33 -11.49
C GLU B 238 -6.63 2.47 -10.24
N LYS B 239 -6.55 3.14 -9.11
CA LYS B 239 -6.65 2.52 -7.80
C LYS B 239 -8.01 1.85 -7.60
N THR B 240 -9.05 2.36 -8.26
CA THR B 240 -10.40 1.87 -8.11
C THR B 240 -10.85 0.78 -9.08
N CYS B 241 -9.94 0.29 -9.93
CA CYS B 241 -10.26 -0.72 -10.96
C CYS B 241 -10.85 -1.93 -10.26
N CYS B 242 -12.08 -2.31 -10.68
CA CYS B 242 -12.82 -3.48 -10.20
C CYS B 242 -13.28 -3.36 -8.73
N GLU B 243 -13.19 -2.16 -8.15
CA GLU B 243 -13.70 -1.89 -6.82
C GLU B 243 -15.19 -1.45 -6.88
N SER B 244 -15.86 -1.47 -5.72
CA SER B 244 -17.25 -1.02 -5.66
C SER B 244 -17.52 0.45 -6.03
N SER B 245 -16.52 1.34 -5.92
CA SER B 245 -16.68 2.71 -6.46
C SER B 245 -15.79 3.03 -7.65
N GLY B 246 -15.38 1.98 -8.37
CA GLY B 246 -14.68 2.14 -9.65
C GLY B 246 -15.33 1.39 -10.80
N ALA B 247 -14.60 1.30 -11.91
CA ALA B 247 -15.10 0.68 -13.12
C ALA B 247 -14.53 -0.73 -13.22
N LYS B 248 -15.39 -1.67 -13.63
CA LYS B 248 -15.00 -3.04 -13.92
C LYS B 248 -14.13 -3.03 -15.22
N CYS B 249 -13.04 -3.80 -15.23
CA CYS B 249 -12.25 -4.06 -16.45
C CYS B 249 -12.48 -5.54 -16.80
N CYS B 250 -11.97 -5.96 -17.96
CA CYS B 250 -12.08 -7.35 -18.42
C CYS B 250 -10.75 -8.13 -18.41
N ARG B 251 -9.75 -7.62 -17.67
CA ARG B 251 -8.40 -8.28 -17.60
C ARG B 251 -8.49 -9.73 -17.11
N LYS B 252 -9.13 -10.00 -15.98
CA LYS B 252 -9.17 -11.36 -15.42
C LYS B 252 -10.01 -12.27 -16.32
N GLU B 253 -11.07 -11.71 -16.91
CA GLU B 253 -11.93 -12.46 -17.83
C GLU B 253 -11.13 -12.92 -19.09
N CYS B 254 -10.23 -12.07 -19.62
CA CYS B 254 -9.37 -12.47 -20.74
C CYS B 254 -8.40 -13.59 -20.34
N LEU B 255 -7.86 -13.53 -19.12
CA LEU B 255 -7.00 -14.58 -18.59
C LEU B 255 -7.77 -15.89 -18.49
N LYS B 256 -9.00 -15.84 -17.96
CA LYS B 256 -9.84 -17.04 -17.84
C LYS B 256 -10.09 -17.71 -19.22
N LEU B 257 -10.44 -16.89 -20.21
CA LEU B 257 -10.74 -17.35 -21.56
C LEU B 257 -9.51 -17.99 -22.20
N MET B 258 -8.35 -17.36 -22.04
CA MET B 258 -7.13 -17.87 -22.66
C MET B 258 -6.72 -19.18 -21.95
N LYS B 259 -6.86 -19.24 -20.62
CA LYS B 259 -6.57 -20.47 -19.88
C LYS B 259 -7.45 -21.61 -20.34
N TYR B 260 -8.76 -21.35 -20.50
CA TYR B 260 -9.74 -22.37 -20.97
C TYR B 260 -9.36 -22.86 -22.38
N LEU B 261 -8.95 -21.96 -23.28
CA LEU B 261 -8.56 -22.36 -24.63
C LEU B 261 -7.39 -23.33 -24.59
N LEU B 262 -6.36 -23.01 -23.80
CA LEU B 262 -5.21 -23.90 -23.65
C LEU B 262 -5.60 -25.23 -22.99
N GLU B 263 -6.37 -25.18 -21.88
CA GLU B 263 -6.83 -26.39 -21.16
C GLU B 263 -7.56 -27.34 -22.12
N GLN B 264 -8.49 -26.79 -22.91
CA GLN B 264 -9.29 -27.55 -23.85
C GLN B 264 -8.42 -28.17 -24.94
N LEU B 265 -7.49 -27.39 -25.50
CA LEU B 265 -6.58 -27.91 -26.53
C LEU B 265 -5.65 -28.98 -25.94
N LYS B 266 -5.22 -28.79 -24.69
CA LYS B 266 -4.32 -29.72 -24.02
C LYS B 266 -4.98 -31.06 -23.72
N LYS B 267 -6.28 -31.04 -23.40
CA LYS B 267 -7.05 -32.28 -23.22
C LYS B 267 -7.14 -33.09 -24.49
N GLU B 268 -7.18 -32.41 -25.64
CA GLU B 268 -7.44 -33.07 -26.91
C GLU B 268 -6.14 -33.54 -27.58
N PHE B 269 -5.05 -32.79 -27.38
CA PHE B 269 -3.78 -33.02 -28.07
C PHE B 269 -2.59 -33.18 -27.11
N GLN B 270 -2.06 -34.42 -27.05
CA GLN B 270 -0.90 -34.81 -26.25
C GLN B 270 0.36 -34.08 -26.74
N GLU B 271 0.36 -33.67 -28.00
CA GLU B 271 1.41 -32.81 -28.58
C GLU B 271 1.65 -31.53 -27.74
N LEU B 272 0.68 -31.16 -26.90
CA LEU B 272 0.73 -29.92 -26.12
C LEU B 272 1.12 -30.14 -24.65
N ASP B 273 1.68 -31.31 -24.33
CA ASP B 273 2.04 -31.64 -22.93
C ASP B 273 3.07 -30.67 -22.33
N ALA B 274 3.93 -30.08 -23.16
CA ALA B 274 4.93 -29.13 -22.64
C ALA B 274 4.39 -27.75 -22.22
N PHE B 275 3.16 -27.41 -22.61
CA PHE B 275 2.54 -26.14 -22.28
C PHE B 275 1.74 -26.25 -21.01
N CYS B 276 1.67 -25.14 -20.26
CA CYS B 276 0.94 -25.06 -19.00
C CYS B 276 0.33 -23.67 -18.82
N SER B 277 -0.59 -23.54 -17.86
CA SER B 277 -1.31 -22.28 -17.63
C SER B 277 -0.36 -21.12 -17.25
N TYR B 278 0.79 -21.42 -16.64
CA TYR B 278 1.78 -20.38 -16.23
C TYR B 278 2.37 -19.70 -17.48
N HIS B 279 2.41 -20.38 -18.62
CA HIS B 279 2.74 -19.70 -19.89
C HIS B 279 1.72 -18.59 -20.20
N VAL B 280 0.44 -18.90 -20.02
CA VAL B 280 -0.61 -17.96 -20.31
C VAL B 280 -0.55 -16.79 -19.32
N LYS B 281 -0.35 -17.12 -18.05
CA LYS B 281 -0.25 -16.11 -16.97
C LYS B 281 0.92 -15.13 -17.26
N THR B 282 2.05 -15.70 -17.69
CA THR B 282 3.24 -14.92 -17.99
C THR B 282 2.95 -14.02 -19.16
N ALA B 283 2.32 -14.56 -20.21
CA ALA B 283 2.03 -13.77 -21.39
C ALA B 283 1.10 -12.60 -21.08
N ILE B 284 0.07 -12.84 -20.26
CA ILE B 284 -0.88 -11.77 -19.97
C ILE B 284 -0.27 -10.69 -19.04
N PHE B 285 0.68 -11.07 -18.17
CA PHE B 285 1.43 -10.08 -17.40
C PHE B 285 2.13 -9.11 -18.36
N HIS B 286 2.83 -9.67 -19.36
CA HIS B 286 3.46 -8.86 -20.40
C HIS B 286 2.47 -7.96 -21.18
N MET B 287 1.33 -8.52 -21.56
CA MET B 287 0.30 -7.77 -22.23
C MET B 287 -0.32 -6.65 -21.39
N TRP B 288 -0.51 -6.90 -20.09
CA TRP B 288 -1.00 -5.88 -19.17
C TRP B 288 0.01 -4.74 -19.00
N THR B 289 1.30 -5.05 -19.18
CA THR B 289 2.37 -4.07 -19.11
C THR B 289 2.41 -3.25 -20.40
N GLN B 290 2.23 -3.91 -21.53
CA GLN B 290 2.20 -3.25 -22.83
C GLN B 290 1.00 -2.32 -23.00
N ASP B 291 -0.16 -2.74 -22.45
CA ASP B 291 -1.44 -2.00 -22.57
C ASP B 291 -1.92 -1.65 -21.17
N PRO B 292 -1.31 -0.67 -20.48
CA PRO B 292 -1.58 -0.45 -19.06
C PRO B 292 -2.91 0.24 -18.74
N GLN B 293 -3.50 0.96 -19.71
CA GLN B 293 -4.60 1.88 -19.42
C GLN B 293 -5.88 1.03 -19.21
N ASP B 294 -6.64 1.29 -18.14
CA ASP B 294 -7.81 0.47 -17.80
C ASP B 294 -8.84 0.51 -18.92
N SER B 295 -8.93 1.65 -19.60
CA SER B 295 -9.87 1.85 -20.70
C SER B 295 -9.52 0.98 -21.92
N GLN B 296 -8.26 0.52 -22.02
CA GLN B 296 -7.87 -0.52 -23.00
C GLN B 296 -8.38 -1.94 -22.63
N TRP B 297 -9.03 -2.08 -21.45
CA TRP B 297 -9.62 -3.33 -20.97
C TRP B 297 -11.07 -3.13 -20.52
N ASP B 298 -11.81 -2.31 -21.26
CA ASP B 298 -13.21 -2.06 -21.00
C ASP B 298 -14.00 -3.34 -21.28
N PRO B 299 -14.93 -3.76 -20.39
CA PRO B 299 -15.78 -4.93 -20.61
C PRO B 299 -16.56 -4.94 -21.94
N ARG B 300 -17.01 -3.78 -22.42
CA ARG B 300 -17.70 -3.69 -23.74
C ARG B 300 -16.75 -4.15 -24.86
N ASN B 301 -15.44 -4.11 -24.67
CA ASN B 301 -14.46 -4.57 -25.67
C ASN B 301 -13.82 -5.95 -25.42
N LEU B 302 -14.55 -6.82 -24.70
CA LEU B 302 -14.08 -8.16 -24.34
C LEU B 302 -13.50 -8.91 -25.58
N SER B 303 -14.24 -8.88 -26.70
CA SER B 303 -13.84 -9.61 -27.91
C SER B 303 -12.52 -9.14 -28.47
N SER B 304 -12.35 -7.81 -28.60
CA SER B 304 -11.09 -7.24 -29.11
C SER B 304 -9.97 -7.53 -28.18
N CYS B 305 -10.20 -7.33 -26.86
CA CYS B 305 -9.18 -7.64 -25.87
C CYS B 305 -8.70 -9.11 -25.91
N PHE B 306 -9.63 -10.05 -26.01
CA PHE B 306 -9.28 -11.47 -26.08
C PHE B 306 -8.53 -11.73 -27.39
N ASP B 307 -9.00 -11.10 -28.47
CA ASP B 307 -8.33 -11.29 -29.75
C ASP B 307 -6.87 -10.76 -29.74
N LYS B 308 -6.60 -9.62 -29.10
CA LYS B 308 -5.24 -9.10 -29.03
C LYS B 308 -4.34 -9.96 -28.13
N LEU B 309 -4.90 -10.51 -27.03
CA LEU B 309 -4.16 -11.49 -26.24
C LEU B 309 -3.71 -12.70 -27.09
N LEU B 310 -4.64 -13.20 -27.91
CA LEU B 310 -4.34 -14.29 -28.81
C LEU B 310 -3.23 -13.92 -29.78
N ALA B 311 -3.32 -12.71 -30.36
CA ALA B 311 -2.31 -12.27 -31.34
C ALA B 311 -0.97 -12.18 -30.62
N PHE B 312 -0.97 -11.66 -29.39
CA PHE B 312 0.26 -11.53 -28.60
C PHE B 312 0.89 -12.91 -28.33
N PHE B 313 0.05 -13.87 -27.93
CA PHE B 313 0.53 -15.22 -27.65
C PHE B 313 1.11 -15.92 -28.89
N LEU B 314 0.45 -15.72 -30.03
CA LEU B 314 0.93 -16.23 -31.30
C LEU B 314 2.30 -15.65 -31.67
N GLU B 315 2.50 -14.36 -31.39
CA GLU B 315 3.82 -13.73 -31.61
C GLU B 315 4.89 -14.32 -30.69
N CYS B 316 4.55 -14.59 -29.43
CA CYS B 316 5.48 -15.26 -28.53
C CYS B 316 5.89 -16.64 -29.10
N LEU B 317 4.93 -17.36 -29.68
CA LEU B 317 5.17 -18.66 -30.24
C LEU B 317 6.08 -18.55 -31.46
N ARG B 318 5.78 -17.60 -32.36
CA ARG B 318 6.45 -17.40 -33.67
C ARG B 318 7.89 -16.91 -33.42
N THR B 319 8.12 -16.12 -32.38
CA THR B 319 9.47 -15.68 -32.03
C THR B 319 10.20 -16.62 -31.08
N GLU B 320 9.52 -17.65 -30.58
CA GLU B 320 10.06 -18.59 -29.59
C GLU B 320 10.60 -17.84 -28.36
N LYS B 321 9.82 -16.87 -27.88
CA LYS B 321 10.26 -15.96 -26.84
C LYS B 321 9.12 -15.64 -25.90
N LEU B 322 9.30 -16.03 -24.63
CA LEU B 322 8.40 -15.72 -23.55
C LEU B 322 9.20 -15.62 -22.28
N ASP B 323 9.65 -14.40 -21.98
CA ASP B 323 10.54 -14.18 -20.85
C ASP B 323 9.76 -14.27 -19.55
N HIS B 324 10.32 -14.96 -18.57
CA HIS B 324 9.77 -14.98 -17.23
C HIS B 324 9.59 -13.52 -16.81
N TYR B 325 8.44 -13.18 -16.22
CA TYR B 325 8.05 -11.78 -15.90
C TYR B 325 9.04 -11.17 -14.88
N PHE B 326 9.61 -12.01 -14.01
CA PHE B 326 10.50 -11.57 -12.93
C PHE B 326 12.01 -11.73 -13.23
N ILE B 327 12.32 -12.58 -14.23
CA ILE B 327 13.69 -13.03 -14.50
C ILE B 327 13.87 -13.00 -16.01
N PRO B 328 14.18 -11.83 -16.59
CA PRO B 328 14.09 -11.62 -18.04
C PRO B 328 14.97 -12.53 -18.90
N LYS B 329 16.11 -12.98 -18.38
CA LYS B 329 16.96 -13.87 -19.15
C LYS B 329 16.47 -15.30 -19.16
N PHE B 330 15.43 -15.63 -18.39
CA PHE B 330 14.87 -16.96 -18.43
C PHE B 330 13.72 -17.00 -19.44
N ASN B 331 13.94 -17.69 -20.56
CA ASN B 331 12.99 -17.83 -21.66
C ASN B 331 12.21 -19.16 -21.51
N LEU B 332 10.94 -19.06 -21.12
CA LEU B 332 10.07 -20.22 -20.93
C LEU B 332 9.80 -20.96 -22.24
N PHE B 333 9.99 -20.27 -23.37
CA PHE B 333 9.82 -20.84 -24.71
C PHE B 333 11.16 -21.13 -25.42
N SER B 334 12.24 -21.33 -24.68
CA SER B 334 13.52 -21.70 -25.33
C SER B 334 13.35 -23.10 -25.94
N GLN B 335 14.15 -23.39 -26.99
CA GLN B 335 14.22 -24.72 -27.61
C GLN B 335 14.55 -25.78 -26.57
N GLU B 336 15.35 -25.42 -25.56
CA GLU B 336 15.72 -26.37 -24.52
C GLU B 336 14.55 -26.86 -23.68
N LEU B 337 13.46 -26.08 -23.61
CA LEU B 337 12.26 -26.46 -22.85
C LEU B 337 11.11 -26.94 -23.72
N ILE B 338 10.97 -26.35 -24.91
CA ILE B 338 9.86 -26.66 -25.81
C ILE B 338 10.36 -26.70 -27.24
N ASP B 339 10.10 -27.82 -27.91
CA ASP B 339 10.46 -28.02 -29.32
C ASP B 339 9.77 -27.03 -30.25
N ARG B 340 10.45 -26.67 -31.33
CA ARG B 340 9.88 -25.86 -32.45
C ARG B 340 8.52 -26.44 -32.88
N LYS B 341 8.47 -27.75 -33.12
CA LYS B 341 7.29 -28.42 -33.66
C LYS B 341 6.09 -28.24 -32.73
N SER B 342 6.33 -28.29 -31.41
CA SER B 342 5.29 -28.12 -30.42
C SER B 342 4.70 -26.71 -30.47
N LYS B 343 5.56 -25.69 -30.63
CA LYS B 343 5.12 -24.32 -30.77
C LYS B 343 4.34 -24.08 -32.06
N GLU B 344 4.82 -24.66 -33.16
CA GLU B 344 4.12 -24.59 -34.44
C GLU B 344 2.76 -25.31 -34.39
N PHE B 345 2.72 -26.49 -33.76
CA PHE B 345 1.48 -27.22 -33.57
C PHE B 345 0.44 -26.36 -32.83
N LEU B 346 0.85 -25.76 -31.70
CA LEU B 346 -0.01 -24.90 -30.91
C LEU B 346 -0.47 -23.67 -31.69
N SER B 347 0.46 -23.05 -32.43
CA SER B 347 0.16 -21.90 -33.29
C SER B 347 -0.99 -22.22 -34.26
N LYS B 348 -0.87 -23.33 -34.97
CA LYS B 348 -1.89 -23.74 -35.94
C LYS B 348 -3.24 -23.99 -35.26
N LYS B 349 -3.23 -24.66 -34.10
CA LYS B 349 -4.46 -24.91 -33.36
C LYS B 349 -5.15 -23.61 -32.94
N ILE B 350 -4.38 -22.69 -32.36
CA ILE B 350 -4.92 -21.44 -31.90
C ILE B 350 -5.50 -20.64 -33.08
N GLU B 351 -4.76 -20.57 -34.19
CA GLU B 351 -5.19 -19.81 -35.35
C GLU B 351 -6.48 -20.39 -35.94
N TYR B 352 -6.61 -21.72 -35.93
CA TYR B 352 -7.86 -22.39 -36.39
C TYR B 352 -9.04 -21.98 -35.50
N GLU B 353 -8.89 -22.05 -34.17
CA GLU B 353 -10.01 -21.73 -33.28
C GLU B 353 -10.43 -20.28 -33.48
N ARG B 354 -9.43 -19.40 -33.52
CA ARG B 354 -9.58 -17.94 -33.76
C ARG B 354 -10.37 -17.68 -35.06
N ASN B 355 -10.06 -18.37 -36.15
CA ASN B 355 -10.67 -18.05 -37.44
C ASN B 355 -11.99 -18.76 -37.71
N ASN B 356 -12.42 -19.62 -36.77
CA ASN B 356 -13.67 -20.36 -36.91
C ASN B 356 -14.61 -20.17 -35.74
N GLY B 357 -14.40 -19.10 -34.98
CA GLY B 357 -15.26 -18.72 -33.86
C GLY B 357 -15.23 -19.62 -32.64
N PHE B 358 -14.07 -20.25 -32.39
CA PHE B 358 -13.82 -21.04 -31.19
C PHE B 358 -14.83 -22.17 -31.00
N PRO B 359 -14.94 -23.12 -31.96
CA PRO B 359 -15.79 -24.30 -31.79
C PRO B 359 -15.40 -25.17 -30.59
N ILE B 360 -14.13 -25.16 -30.16
CA ILE B 360 -13.72 -25.89 -28.96
C ILE B 360 -14.34 -25.36 -27.66
N PHE B 361 -14.81 -24.11 -27.66
CA PHE B 361 -15.47 -23.53 -26.50
C PHE B 361 -16.87 -24.12 -26.30
N ASP B 362 -17.44 -24.71 -27.38
CA ASP B 362 -18.79 -25.31 -27.33
C ASP B 362 -18.85 -26.76 -26.84
N LYS B 363 -17.69 -27.41 -26.66
CA LYS B 363 -17.63 -28.82 -26.25
C LYS B 363 -18.64 -29.17 -25.15
PG APC G . 2.26 25.08 7.16
O1G APC G . 3.08 25.25 5.92
O2G APC G . 1.22 26.14 7.26
O3G APC G . 3.10 24.86 8.41
PB APC G . 0.93 22.71 7.93
O1B APC G . 2.15 21.97 8.36
O2B APC G . 0.00 21.64 7.37
O3B APC G . 1.38 23.76 6.83
PA APC G . 0.68 23.13 11.04
O1A APC G . 2.17 23.21 11.22
O2A APC G . -0.07 24.09 11.88
C3A APC G . 0.50 23.25 9.41
O5' APC G . 0.19 21.62 11.37
C5' APC G . 0.94 20.42 11.14
C4' APC G . 0.01 19.24 10.87
O4' APC G . -0.74 18.92 12.05
C3' APC G . -1.02 19.54 9.75
O3' APC G . -0.45 19.30 8.44
C2' APC G . -2.12 18.58 10.16
O2' APC G . -1.84 17.26 9.72
C1' APC G . -2.10 18.61 11.69
N9 APC G . -3.02 19.63 12.24
C8 APC G . -2.72 20.91 12.57
N7 APC G . -3.83 21.53 13.05
C5 APC G . -4.83 20.61 13.01
C6 APC G . -6.18 20.65 13.38
N6 APC G . -6.75 21.78 13.88
N1 APC G . -6.93 19.55 13.21
C2 APC G . -6.42 18.41 12.71
N3 APC G . -5.11 18.34 12.36
C4 APC G . -4.32 19.43 12.51
ZN ZN H . 0.04 14.03 -9.10
MN MN I . 3.31 23.51 13.06
MN MN J . 3.77 23.10 9.56
PG APC K . -4.39 -23.13 -12.56
O1G APC K . -5.81 -22.66 -12.61
O2G APC K . -3.99 -23.74 -13.86
O3G APC K . -4.04 -24.03 -11.41
PB APC K . -2.22 -21.67 -11.53
O1B APC K . -2.66 -21.88 -10.08
O2B APC K . -1.59 -20.30 -11.68
O3B APC K . -3.53 -21.78 -12.42
PA APC K . -0.20 -23.95 -10.82
O1A APC K . -1.17 -24.56 -9.85
O2A APC K . 0.63 -24.94 -11.56
C3A APC K . -1.14 -22.89 -11.61
O5' APC K . 0.81 -22.98 -10.01
C5' APC K . 0.43 -22.23 -8.88
C4' APC K . 1.31 -21.00 -8.72
O4' APC K . 2.67 -21.41 -8.47
C3' APC K . 1.37 -20.09 -9.94
O3' APC K . 0.24 -19.21 -10.08
C2' APC K . 2.70 -19.38 -9.74
O2' APC K . 2.58 -18.31 -8.83
C1' APC K . 3.57 -20.50 -9.17
N9 APC K . 4.25 -21.18 -10.30
C8 APC K . 3.82 -22.25 -11.00
N7 APC K . 4.70 -22.54 -11.98
C5 APC K . 5.70 -21.63 -11.89
C6 APC K . 6.86 -21.43 -12.61
N6 APC K . 7.20 -22.24 -13.64
N1 APC K . 7.67 -20.41 -12.28
C2 APC K . 7.36 -19.59 -11.26
N3 APC K . 6.22 -19.76 -10.55
C4 APC K . 5.39 -20.77 -10.85
ZN ZN L . -9.97 -4.25 -13.05
MN MN M . -0.77 -26.39 -8.56
MN MN N . -3.24 -23.91 -9.32
#